data_4HFM
#
_entry.id   4HFM
#
_cell.length_a   88.200
_cell.length_b   149.840
_cell.length_c   66.610
_cell.angle_alpha   90.00
_cell.angle_beta   115.53
_cell.angle_gamma   90.00
#
_symmetry.space_group_name_H-M   'C 1 2 1'
#
loop_
_entity.id
_entity.type
_entity.pdbx_description
1 polymer 'Allyl alcohol dehydrogenase'
2 non-polymer 'NADP NICOTINAMIDE-ADENINE-DINUCLEOTIDE PHOSPHATE'
3 water water
#
_entity_poly.entity_id   1
_entity_poly.type   'polypeptide(L)'
_entity_poly.pdbx_seq_one_letter_code
;MAEEVSNKQVILKNYVTGYPKESDMEIKNVTIKLKVPEGSNDVVVKNLYLSCDPYMRSRMRKIEGSYVESFAPGSPITGY
GVAKVLESGDPKFQKGDLVWGMTGWEEYSIITPTQTLFKIHDKDVPLSYYTGILGMPGMTAYAGFHEVCSPKKGETVFVS
AASGAVGQLVGQFAKMLGCYVVGSAGSKEKVDLLKSKFGFDEAFNYKEEQDLSAALKRYFPDGIDIYFENVGGKMLDAVL
VNMKLYGRIAVCGMISQYNLEQTEGVHNLFCLITKRIRMEGFLVFDYYHLYPKYLEMVIPQIKAGKVVYVEDVAHGLESA
PTALVGLFSGRNIGKQVVMVSRELEHHHHHH
;
_entity_poly.pdbx_strand_id   A,B
#
loop_
_chem_comp.id
_chem_comp.type
_chem_comp.name
_chem_comp.formula
NAP non-polymer 'NADP NICOTINAMIDE-ADENINE-DINUCLEOTIDE PHOSPHATE' 'C21 H28 N7 O17 P3'
#
# COMPACT_ATOMS: atom_id res chain seq x y z
N ALA A 2 -50.84 -7.26 -19.17
CA ALA A 2 -49.52 -6.61 -19.04
C ALA A 2 -49.16 -5.84 -20.28
N GLU A 3 -48.62 -4.64 -20.07
CA GLU A 3 -48.22 -3.80 -21.17
C GLU A 3 -47.16 -4.52 -22.00
N GLU A 4 -47.31 -4.51 -23.33
CA GLU A 4 -46.31 -5.10 -24.21
C GLU A 4 -45.69 -4.00 -25.08
N VAL A 5 -44.37 -3.87 -24.99
CA VAL A 5 -43.66 -2.73 -25.61
C VAL A 5 -42.34 -3.15 -26.23
N SER A 6 -41.86 -2.37 -27.21
CA SER A 6 -40.53 -2.59 -27.76
C SER A 6 -39.51 -2.11 -26.74
N ASN A 7 -38.38 -2.81 -26.69
CA ASN A 7 -37.33 -2.51 -25.69
C ASN A 7 -35.96 -2.45 -26.38
N LYS A 8 -35.44 -1.25 -26.62
CA LYS A 8 -34.07 -1.13 -27.16
C LYS A 8 -33.03 -1.50 -26.11
N GLN A 9 -31.96 -2.16 -26.55
CA GLN A 9 -30.90 -2.64 -25.66
C GLN A 9 -29.55 -2.32 -26.24
N VAL A 10 -28.60 -2.01 -25.36
CA VAL A 10 -27.21 -1.95 -25.80
C VAL A 10 -26.53 -3.27 -25.46
N ILE A 11 -26.18 -4.00 -26.51
CA ILE A 11 -25.57 -5.32 -26.41
C ILE A 11 -24.04 -5.29 -26.52
N LEU A 12 -23.36 -6.05 -25.66
CA LEU A 12 -21.94 -6.21 -25.86
C LEU A 12 -21.74 -7.24 -26.99
N LYS A 13 -21.06 -6.84 -28.05
CA LYS A 13 -20.90 -7.72 -29.22
C LYS A 13 -19.87 -8.82 -28.99
N ASN A 14 -18.78 -8.42 -28.33
CA ASN A 14 -17.57 -9.21 -28.26
CA ASN A 14 -17.61 -9.28 -28.14
C ASN A 14 -16.79 -8.88 -26.95
N TYR A 15 -16.05 -9.83 -26.39
CA TYR A 15 -15.07 -9.45 -25.37
C TYR A 15 -14.10 -8.47 -26.03
N VAL A 16 -13.44 -7.65 -25.23
CA VAL A 16 -12.64 -6.56 -25.74
C VAL A 16 -11.18 -6.79 -25.33
N THR A 17 -10.23 -6.54 -26.25
CA THR A 17 -8.80 -6.42 -25.90
C THR A 17 -8.33 -5.03 -26.33
N GLY A 18 -7.38 -4.45 -25.59
CA GLY A 18 -6.93 -3.10 -25.94
C GLY A 18 -8.04 -2.11 -25.61
N TYR A 19 -8.15 -1.04 -26.39
CA TYR A 19 -9.21 -0.02 -26.11
C TYR A 19 -10.57 -0.46 -26.65
N PRO A 20 -11.66 -0.19 -25.90
CA PRO A 20 -12.98 -0.49 -26.48
C PRO A 20 -13.29 0.52 -27.61
N LYS A 21 -14.08 0.09 -28.59
CA LYS A 21 -14.57 1.01 -29.62
C LYS A 21 -16.08 0.89 -29.72
N GLU A 22 -16.70 1.85 -30.40
CA GLU A 22 -18.17 1.87 -30.50
C GLU A 22 -18.70 0.57 -31.06
N SER A 23 -18.01 0.03 -32.08
CA SER A 23 -18.42 -1.19 -32.78
C SER A 23 -18.30 -2.47 -31.96
N ASP A 24 -17.79 -2.37 -30.73
CA ASP A 24 -17.79 -3.51 -29.80
C ASP A 24 -19.19 -3.64 -29.15
N MET A 25 -20.07 -2.67 -29.44
CA MET A 25 -21.44 -2.71 -28.98
C MET A 25 -22.42 -2.50 -30.12
N GLU A 26 -23.68 -2.92 -29.90
CA GLU A 26 -24.74 -2.74 -30.89
C GLU A 26 -26.07 -2.54 -30.19
N ILE A 27 -27.01 -1.97 -30.95
CA ILE A 27 -28.35 -1.73 -30.44
C ILE A 27 -29.26 -2.80 -30.99
N LYS A 28 -29.97 -3.47 -30.08
CA LYS A 28 -30.94 -4.48 -30.40
C LYS A 28 -32.32 -4.05 -29.91
N ASN A 29 -33.35 -4.43 -30.65
CA ASN A 29 -34.73 -4.19 -30.21
C ASN A 29 -35.47 -5.47 -30.00
N VAL A 30 -36.05 -5.62 -28.82
CA VAL A 30 -36.85 -6.81 -28.52
C VAL A 30 -38.24 -6.36 -28.07
N THR A 31 -39.19 -7.29 -28.10
CA THR A 31 -40.49 -7.01 -27.53
C THR A 31 -40.48 -7.60 -26.14
N ILE A 32 -40.96 -6.89 -25.14
CA ILE A 32 -41.17 -7.53 -23.84
C ILE A 32 -42.49 -7.16 -23.20
N LYS A 33 -42.88 -7.91 -22.17
CA LYS A 33 -44.03 -7.60 -21.37
C LYS A 33 -43.59 -7.10 -20.01
N LEU A 34 -44.19 -6.01 -19.58
CA LEU A 34 -43.86 -5.38 -18.32
C LEU A 34 -44.65 -6.03 -17.19
N LYS A 35 -44.17 -7.19 -16.76
CA LYS A 35 -44.88 -7.99 -15.75
C LYS A 35 -43.88 -8.73 -14.86
N VAL A 36 -44.17 -8.78 -13.56
CA VAL A 36 -43.35 -9.54 -12.61
C VAL A 36 -43.63 -11.03 -12.78
N PRO A 37 -42.59 -11.85 -13.06
CA PRO A 37 -42.74 -13.30 -13.21
C PRO A 37 -43.40 -13.94 -11.99
N GLU A 38 -44.20 -14.97 -12.24
CA GLU A 38 -45.06 -15.60 -11.24
C GLU A 38 -44.37 -15.94 -9.94
N GLY A 39 -44.96 -15.49 -8.83
CA GLY A 39 -44.41 -15.69 -7.48
C GLY A 39 -42.98 -15.27 -7.22
N SER A 40 -42.41 -14.42 -8.08
CA SER A 40 -41.04 -13.92 -7.87
C SER A 40 -41.08 -12.59 -7.15
N ASN A 41 -39.95 -12.18 -6.62
CA ASN A 41 -39.90 -10.93 -5.90
C ASN A 41 -39.19 -9.85 -6.75
N ASP A 42 -39.21 -10.03 -8.08
CA ASP A 42 -38.57 -9.08 -9.00
C ASP A 42 -39.29 -7.74 -9.12
N VAL A 43 -38.56 -6.76 -9.63
CA VAL A 43 -39.10 -5.43 -9.88
C VAL A 43 -38.89 -5.12 -11.37
N VAL A 44 -39.96 -4.64 -12.02
CA VAL A 44 -39.88 -4.17 -13.41
C VAL A 44 -39.72 -2.66 -13.39
N VAL A 45 -38.67 -2.17 -14.08
CA VAL A 45 -38.42 -0.74 -14.10
C VAL A 45 -38.32 -0.15 -15.52
N LYS A 46 -38.55 1.15 -15.59
CA LYS A 46 -38.24 1.94 -16.78
C LYS A 46 -37.00 2.76 -16.49
N ASN A 47 -35.94 2.52 -17.27
CA ASN A 47 -34.68 3.17 -17.03
C ASN A 47 -34.71 4.61 -17.53
N LEU A 48 -34.16 5.51 -16.71
CA LEU A 48 -34.21 6.93 -17.02
C LEU A 48 -32.81 7.43 -17.35
N TYR A 49 -31.84 7.11 -16.48
CA TYR A 49 -30.43 7.49 -16.63
C TYR A 49 -29.52 6.30 -16.40
N LEU A 50 -28.45 6.24 -17.19
CA LEU A 50 -27.43 5.25 -17.01
C LEU A 50 -26.08 5.92 -16.75
N SER A 51 -25.32 5.33 -15.83
CA SER A 51 -23.98 5.83 -15.54
C SER A 51 -23.00 5.18 -16.53
N CYS A 52 -22.02 5.92 -17.04
CA CYS A 52 -20.89 5.25 -17.72
C CYS A 52 -19.76 5.27 -16.72
N ASP A 53 -19.33 4.10 -16.27
CA ASP A 53 -18.26 4.03 -15.24
C ASP A 53 -17.04 3.28 -15.78
N PRO A 54 -15.81 3.78 -15.50
CA PRO A 54 -14.60 3.14 -16.02
C PRO A 54 -14.41 1.65 -15.67
N TYR A 55 -14.95 1.19 -14.53
CA TYR A 55 -14.79 -0.24 -14.11
C TYR A 55 -15.48 -1.16 -15.12
N MET A 56 -16.42 -0.64 -15.91
CA MET A 56 -17.06 -1.46 -16.96
C MET A 56 -16.08 -2.07 -17.94
N ARG A 57 -14.95 -1.39 -18.18
CA ARG A 57 -13.94 -1.96 -19.06
C ARG A 57 -13.45 -3.34 -18.57
N SER A 58 -13.28 -3.50 -17.26
CA SER A 58 -12.86 -4.79 -16.68
C SER A 58 -13.86 -5.88 -16.99
N ARG A 59 -15.13 -5.49 -17.08
CA ARG A 59 -16.17 -6.47 -17.29
C ARG A 59 -16.30 -6.89 -18.74
N MET A 60 -15.53 -6.24 -19.62
CA MET A 60 -15.50 -6.60 -21.04
C MET A 60 -14.46 -7.64 -21.39
N ARG A 61 -13.77 -8.17 -20.38
CA ARG A 61 -12.75 -9.21 -20.54
C ARG A 61 -13.32 -10.55 -20.10
N LYS A 62 -12.86 -11.65 -20.69
CA LYS A 62 -13.20 -13.00 -20.24
C LYS A 62 -12.08 -13.54 -19.33
N GLU A 69 -18.97 -12.37 -12.96
CA GLU A 69 -18.54 -10.99 -12.88
C GLU A 69 -18.63 -10.25 -14.23
N SER A 70 -18.13 -10.85 -15.32
CA SER A 70 -18.03 -10.09 -16.57
C SER A 70 -19.33 -10.07 -17.38
N PHE A 71 -19.38 -9.20 -18.39
CA PHE A 71 -20.53 -9.13 -19.29
C PHE A 71 -20.52 -10.38 -20.17
N ALA A 72 -21.67 -10.71 -20.75
CA ALA A 72 -21.74 -11.80 -21.72
C ALA A 72 -22.00 -11.25 -23.13
N PRO A 73 -21.11 -11.57 -24.08
CA PRO A 73 -21.36 -11.20 -25.47
C PRO A 73 -22.73 -11.69 -25.91
N GLY A 74 -23.45 -10.82 -26.61
CA GLY A 74 -24.84 -11.12 -27.00
C GLY A 74 -25.91 -10.69 -26.03
N SER A 75 -25.53 -10.38 -24.78
CA SER A 75 -26.47 -9.86 -23.78
C SER A 75 -26.32 -8.36 -23.47
N PRO A 76 -27.38 -7.73 -22.89
CA PRO A 76 -27.30 -6.30 -22.56
C PRO A 76 -26.16 -6.04 -21.61
N ILE A 77 -25.46 -4.94 -21.82
CA ILE A 77 -24.58 -4.39 -20.83
C ILE A 77 -25.44 -4.02 -19.58
N THR A 78 -24.81 -4.07 -18.41
CA THR A 78 -25.48 -3.70 -17.15
C THR A 78 -24.58 -2.68 -16.43
N GLY A 79 -25.18 -1.87 -15.55
CA GLY A 79 -24.38 -0.96 -14.74
C GLY A 79 -25.33 -0.16 -13.86
N TYR A 80 -24.80 0.81 -13.13
CA TYR A 80 -25.66 1.69 -12.28
C TYR A 80 -26.54 2.62 -13.12
N GLY A 81 -27.78 2.81 -12.68
CA GLY A 81 -28.70 3.67 -13.37
C GLY A 81 -29.74 4.21 -12.39
N VAL A 82 -30.59 5.09 -12.90
CA VAL A 82 -31.74 5.59 -12.14
C VAL A 82 -32.98 5.14 -12.89
N ALA A 83 -33.95 4.62 -12.18
CA ALA A 83 -35.13 4.03 -12.86
C ALA A 83 -36.42 4.31 -12.12
N LYS A 84 -37.53 4.14 -12.83
CA LYS A 84 -38.85 4.23 -12.20
C LYS A 84 -39.48 2.84 -12.16
N VAL A 85 -39.92 2.46 -10.97
CA VAL A 85 -40.63 1.19 -10.77
C VAL A 85 -42.02 1.20 -11.46
N LEU A 86 -42.25 0.18 -12.27
CA LEU A 86 -43.56 -0.05 -12.92
C LEU A 86 -44.40 -1.13 -12.28
N GLU A 87 -43.78 -2.22 -11.84
CA GLU A 87 -44.51 -3.29 -11.14
C GLU A 87 -43.48 -3.92 -10.19
N SER A 88 -43.95 -4.42 -9.04
CA SER A 88 -43.03 -5.00 -8.05
C SER A 88 -43.60 -6.25 -7.43
N GLY A 89 -42.81 -7.32 -7.39
CA GLY A 89 -43.12 -8.46 -6.54
C GLY A 89 -42.54 -8.30 -5.14
N ASP A 90 -41.93 -7.15 -4.88
CA ASP A 90 -41.25 -6.88 -3.61
C ASP A 90 -41.99 -5.79 -2.82
N PRO A 91 -42.47 -6.12 -1.60
CA PRO A 91 -43.21 -5.14 -0.79
C PRO A 91 -42.47 -3.82 -0.55
N LYS A 92 -41.14 -3.88 -0.49
CA LYS A 92 -40.29 -2.70 -0.32
C LYS A 92 -40.43 -1.68 -1.49
N PHE A 93 -40.81 -2.17 -2.68
CA PHE A 93 -40.95 -1.29 -3.85
C PHE A 93 -42.38 -1.24 -4.40
N GLN A 94 -42.85 -0.02 -4.65
CA GLN A 94 -44.20 0.24 -5.14
C GLN A 94 -44.11 0.89 -6.51
N LYS A 95 -45.12 0.66 -7.36
CA LYS A 95 -45.25 1.34 -8.64
C LYS A 95 -45.11 2.84 -8.44
N GLY A 96 -44.29 3.48 -9.27
CA GLY A 96 -44.06 4.91 -9.14
C GLY A 96 -42.81 5.33 -8.37
N ASP A 97 -42.26 4.43 -7.56
CA ASP A 97 -41.00 4.67 -6.86
C ASP A 97 -39.85 4.94 -7.85
N LEU A 98 -38.95 5.86 -7.46
CA LEU A 98 -37.71 6.06 -8.17
C LEU A 98 -36.60 5.38 -7.38
N VAL A 99 -35.74 4.69 -8.11
CA VAL A 99 -34.67 3.88 -7.51
C VAL A 99 -33.35 4.13 -8.25
N TRP A 100 -32.24 3.87 -7.57
CA TRP A 100 -30.97 3.70 -8.28
C TRP A 100 -30.25 2.42 -7.82
N GLY A 101 -29.42 1.87 -8.70
CA GLY A 101 -28.76 0.60 -8.45
C GLY A 101 -28.42 -0.01 -9.80
N MET A 102 -28.05 -1.29 -9.80
CA MET A 102 -27.66 -1.95 -11.05
C MET A 102 -28.92 -2.25 -11.86
N THR A 103 -28.85 -1.97 -13.16
CA THR A 103 -29.95 -2.18 -14.02
C THR A 103 -29.38 -2.52 -15.42
N GLY A 104 -30.25 -2.77 -16.39
CA GLY A 104 -29.72 -3.04 -17.76
C GLY A 104 -29.58 -1.82 -18.64
N TRP A 105 -28.74 -1.92 -19.66
CA TRP A 105 -28.58 -0.87 -20.62
C TRP A 105 -29.69 -1.08 -21.65
N GLU A 106 -30.89 -0.67 -21.27
CA GLU A 106 -32.09 -0.93 -22.10
C GLU A 106 -33.17 0.02 -21.67
N GLU A 107 -34.29 0.03 -22.39
CA GLU A 107 -35.34 0.96 -21.95
C GLU A 107 -36.03 0.50 -20.68
N TYR A 108 -36.13 -0.82 -20.50
CA TYR A 108 -36.88 -1.44 -19.39
C TYR A 108 -36.10 -2.62 -18.93
N SER A 109 -36.08 -2.85 -17.62
CA SER A 109 -35.35 -4.00 -17.08
C SER A 109 -36.17 -4.68 -16.00
N ILE A 110 -35.89 -5.98 -15.82
CA ILE A 110 -36.37 -6.73 -14.66
CA ILE A 110 -36.37 -6.68 -14.63
C ILE A 110 -35.21 -6.90 -13.70
N ILE A 111 -35.40 -6.51 -12.44
N ILE A 111 -35.40 -6.53 -12.45
CA ILE A 111 -34.33 -6.55 -11.42
CA ILE A 111 -34.32 -6.56 -11.48
C ILE A 111 -34.70 -7.48 -10.29
C ILE A 111 -34.69 -7.52 -10.36
N THR A 112 -33.70 -8.11 -9.65
N THR A 112 -33.87 -8.56 -10.19
CA THR A 112 -33.91 -8.74 -8.35
CA THR A 112 -34.03 -9.56 -9.15
C THR A 112 -33.30 -7.88 -7.24
C THR A 112 -33.51 -9.05 -7.80
N PRO A 113 -34.15 -7.17 -6.49
N PRO A 113 -33.91 -9.70 -6.69
CA PRO A 113 -33.73 -6.26 -5.42
CA PRO A 113 -33.29 -9.27 -5.43
C PRO A 113 -32.53 -6.80 -4.62
C PRO A 113 -31.76 -9.35 -5.49
N THR A 116 -28.69 -4.55 -3.80
CA THR A 116 -29.25 -3.30 -3.29
C THR A 116 -29.75 -2.34 -4.39
N LEU A 117 -31.06 -2.09 -4.34
CA LEU A 117 -31.67 -1.03 -5.09
C LEU A 117 -31.97 0.02 -4.02
N PHE A 118 -31.53 1.26 -4.23
CA PHE A 118 -31.81 2.34 -3.27
C PHE A 118 -33.04 3.13 -3.71
N LYS A 119 -33.91 3.45 -2.77
CA LYS A 119 -35.11 4.22 -3.10
C LYS A 119 -34.78 5.71 -2.95
N ILE A 120 -35.07 6.48 -4.00
CA ILE A 120 -34.82 7.92 -4.04
C ILE A 120 -35.99 8.69 -3.41
N HIS A 121 -35.70 9.51 -2.40
CA HIS A 121 -36.76 10.24 -1.73
C HIS A 121 -36.71 11.72 -2.07
N ASP A 122 -35.52 12.22 -2.39
CA ASP A 122 -35.36 13.65 -2.63
C ASP A 122 -35.24 13.83 -4.13
N LYS A 123 -36.28 14.43 -4.71
CA LYS A 123 -36.31 14.73 -6.15
C LYS A 123 -36.27 16.24 -6.40
N ASP A 124 -35.97 17.01 -5.35
CA ASP A 124 -35.60 18.42 -5.50
C ASP A 124 -34.15 18.57 -5.97
N VAL A 125 -33.56 17.47 -6.41
CA VAL A 125 -32.26 17.53 -7.01
C VAL A 125 -32.40 16.79 -8.34
N PRO A 126 -31.51 17.04 -9.30
CA PRO A 126 -31.66 16.39 -10.60
C PRO A 126 -31.58 14.88 -10.43
N LEU A 127 -32.47 14.13 -11.09
CA LEU A 127 -32.41 12.67 -10.94
C LEU A 127 -31.12 12.10 -11.47
N SER A 128 -30.57 12.70 -12.50
CA SER A 128 -29.29 12.27 -13.02
C SER A 128 -28.15 12.32 -11.96
N TYR A 129 -28.29 13.15 -10.93
CA TYR A 129 -27.28 13.18 -9.85
C TYR A 129 -27.10 11.81 -9.16
N TYR A 130 -28.15 10.98 -9.17
CA TYR A 130 -28.05 9.67 -8.55
C TYR A 130 -27.23 8.65 -9.34
N THR A 131 -26.68 9.05 -10.47
CA THR A 131 -25.67 8.27 -11.13
C THR A 131 -24.26 8.70 -10.70
N GLY A 132 -24.14 9.87 -10.09
CA GLY A 132 -22.87 10.44 -9.75
C GLY A 132 -22.72 10.89 -8.30
N ILE A 133 -22.78 12.19 -8.12
CA ILE A 133 -22.61 12.81 -6.87
C ILE A 133 -23.49 12.20 -5.77
N LEU A 134 -24.69 11.81 -6.11
CA LEU A 134 -25.58 11.20 -5.11
C LEU A 134 -25.67 9.68 -5.24
N GLY A 135 -24.80 9.13 -6.10
CA GLY A 135 -24.75 7.71 -6.30
C GLY A 135 -23.39 7.15 -6.01
N MET A 136 -23.01 6.12 -6.77
CA MET A 136 -21.81 5.37 -6.44
C MET A 136 -20.49 6.23 -6.49
N PRO A 137 -20.31 7.09 -7.53
CA PRO A 137 -19.08 7.89 -7.54
C PRO A 137 -18.97 8.86 -6.35
N GLY A 138 -20.08 9.48 -5.96
CA GLY A 138 -20.06 10.41 -4.81
C GLY A 138 -19.66 9.65 -3.57
N MET A 139 -20.24 8.46 -3.41
CA MET A 139 -19.95 7.62 -2.24
C MET A 139 -18.47 7.16 -2.23
N THR A 140 -17.91 6.90 -3.40
CA THR A 140 -16.51 6.56 -3.53
C THR A 140 -15.62 7.71 -3.08
N ALA A 141 -15.95 8.91 -3.53
CA ALA A 141 -15.16 10.08 -3.17
C ALA A 141 -15.25 10.27 -1.63
N TYR A 142 -16.46 10.11 -1.12
CA TYR A 142 -16.67 10.31 0.33
C TYR A 142 -15.91 9.25 1.16
N ALA A 143 -16.14 7.96 0.90
CA ALA A 143 -15.44 6.92 1.62
C ALA A 143 -13.92 6.96 1.43
N GLY A 144 -13.47 7.08 0.17
CA GLY A 144 -12.05 7.16 -0.14
C GLY A 144 -11.37 8.29 0.62
N PHE A 145 -11.93 9.49 0.56
CA PHE A 145 -11.25 10.63 1.17
C PHE A 145 -11.44 10.69 2.68
N HIS A 146 -12.67 10.59 3.15
CA HIS A 146 -12.99 10.74 4.58
CA HIS A 146 -12.87 10.77 4.58
C HIS A 146 -12.48 9.55 5.42
N GLU A 147 -12.64 8.36 4.89
CA GLU A 147 -12.26 7.16 5.63
C GLU A 147 -10.85 6.75 5.30
N VAL A 148 -10.55 6.46 4.04
CA VAL A 148 -9.27 5.81 3.72
C VAL A 148 -8.08 6.75 3.89
N CYS A 149 -8.23 8.04 3.53
CA CYS A 149 -7.11 9.00 3.54
C CYS A 149 -6.74 9.54 4.92
N SER A 150 -7.63 9.36 5.91
CA SER A 150 -7.47 9.97 7.25
C SER A 150 -6.99 11.44 7.23
N PRO A 151 -7.74 12.31 6.55
CA PRO A 151 -7.18 13.63 6.29
C PRO A 151 -7.29 14.53 7.49
N LYS A 152 -6.40 15.51 7.54
CA LYS A 152 -6.40 16.53 8.59
C LYS A 152 -6.28 17.90 7.94
N LYS A 153 -6.89 18.89 8.58
CA LYS A 153 -6.82 20.27 8.18
C LYS A 153 -5.36 20.68 7.94
N GLY A 154 -5.14 21.36 6.83
CA GLY A 154 -3.82 21.90 6.50
C GLY A 154 -2.92 20.96 5.68
N GLU A 155 -3.37 19.74 5.47
CA GLU A 155 -2.54 18.77 4.72
C GLU A 155 -2.54 19.06 3.24
N THR A 156 -1.52 18.58 2.55
CA THR A 156 -1.45 18.78 1.11
C THR A 156 -2.02 17.54 0.39
N VAL A 157 -2.87 17.78 -0.63
CA VAL A 157 -3.65 16.73 -1.28
C VAL A 157 -3.47 16.83 -2.78
N PHE A 158 -3.12 15.72 -3.39
CA PHE A 158 -3.08 15.63 -4.86
C PHE A 158 -4.15 14.62 -5.36
N VAL A 159 -4.90 14.98 -6.40
CA VAL A 159 -5.99 14.13 -6.90
C VAL A 159 -5.72 13.95 -8.39
N SER A 160 -5.58 12.72 -8.86
CA SER A 160 -5.47 12.46 -10.31
C SER A 160 -6.87 12.27 -10.95
N ALA A 161 -7.00 12.31 -12.30
CA ALA A 161 -8.35 12.40 -12.97
C ALA A 161 -9.29 13.33 -12.16
N ALA A 162 -8.77 14.50 -11.82
CA ALA A 162 -9.37 15.38 -10.80
C ALA A 162 -10.66 16.03 -11.27
N SER A 163 -10.90 16.10 -12.58
CA SER A 163 -12.17 16.70 -13.03
C SER A 163 -13.30 15.70 -13.21
N GLY A 164 -13.04 14.43 -12.93
CA GLY A 164 -14.00 13.37 -13.20
C GLY A 164 -15.03 13.24 -12.10
N ALA A 165 -15.89 12.26 -12.23
CA ALA A 165 -16.99 12.07 -11.33
C ALA A 165 -16.58 11.98 -9.87
N VAL A 166 -15.48 11.25 -9.60
CA VAL A 166 -14.98 11.02 -8.23
C VAL A 166 -14.05 12.15 -7.82
N GLY A 167 -13.12 12.49 -8.73
CA GLY A 167 -12.06 13.45 -8.40
C GLY A 167 -12.58 14.86 -8.11
N GLN A 168 -13.63 15.30 -8.82
CA GLN A 168 -14.08 16.65 -8.63
C GLN A 168 -14.69 16.80 -7.25
N LEU A 169 -15.22 15.70 -6.68
CA LEU A 169 -15.76 15.72 -5.34
C LEU A 169 -14.67 15.60 -4.27
N VAL A 170 -13.68 14.74 -4.51
CA VAL A 170 -12.53 14.61 -3.58
C VAL A 170 -11.88 15.99 -3.34
N GLY A 171 -11.62 16.73 -4.41
CA GLY A 171 -10.97 18.05 -4.24
C GLY A 171 -11.84 19.02 -3.43
N GLN A 172 -13.14 18.98 -3.66
CA GLN A 172 -14.02 19.87 -2.89
C GLN A 172 -14.10 19.50 -1.42
N PHE A 173 -14.16 18.19 -1.14
CA PHE A 173 -14.16 17.67 0.22
C PHE A 173 -12.86 18.06 0.97
N ALA A 174 -11.74 18.00 0.27
CA ALA A 174 -10.45 18.39 0.86
C ALA A 174 -10.36 19.89 1.09
N LYS A 175 -10.84 20.69 0.15
CA LYS A 175 -10.89 22.15 0.33
C LYS A 175 -11.78 22.49 1.54
N MET A 176 -12.92 21.82 1.67
CA MET A 176 -13.83 22.08 2.80
C MET A 176 -13.15 21.84 4.15
N LEU A 177 -12.22 20.91 4.17
CA LEU A 177 -11.43 20.56 5.37
C LEU A 177 -10.25 21.51 5.60
N GLY A 178 -9.94 22.35 4.63
CA GLY A 178 -8.88 23.36 4.77
C GLY A 178 -7.55 22.79 4.31
N CYS A 179 -7.60 21.84 3.38
CA CYS A 179 -6.39 21.30 2.77
C CYS A 179 -5.97 22.17 1.59
N TYR A 180 -4.69 22.06 1.24
CA TYR A 180 -4.21 22.60 -0.02
C TYR A 180 -4.30 21.47 -1.05
N VAL A 181 -4.96 21.78 -2.17
CA VAL A 181 -5.39 20.73 -3.10
C VAL A 181 -4.97 21.05 -4.52
N VAL A 182 -4.36 20.08 -5.16
CA VAL A 182 -3.89 20.21 -6.53
C VAL A 182 -4.50 19.05 -7.33
N GLY A 183 -4.86 19.27 -8.61
CA GLY A 183 -5.42 18.17 -9.38
C GLY A 183 -4.75 18.13 -10.73
N SER A 184 -4.66 16.94 -11.31
CA SER A 184 -4.21 16.82 -12.70
C SER A 184 -5.39 16.44 -13.57
N ALA A 185 -5.42 16.93 -14.81
CA ALA A 185 -6.44 16.54 -15.78
C ALA A 185 -5.84 16.64 -17.17
N GLY A 186 -6.60 16.20 -18.17
CA GLY A 186 -6.00 16.00 -19.50
C GLY A 186 -6.27 17.02 -20.58
N SER A 187 -6.81 18.20 -20.19
CA SER A 187 -7.04 19.29 -21.14
C SER A 187 -7.04 20.63 -20.42
N LYS A 188 -6.72 21.67 -21.16
CA LYS A 188 -6.82 23.05 -20.62
C LYS A 188 -8.21 23.36 -20.06
N GLU A 189 -9.25 22.96 -20.78
CA GLU A 189 -10.63 23.17 -20.32
C GLU A 189 -10.86 22.55 -18.91
N LYS A 190 -10.43 21.32 -18.72
CA LYS A 190 -10.59 20.65 -17.42
C LYS A 190 -9.76 21.30 -16.34
N VAL A 191 -8.53 21.68 -16.68
CA VAL A 191 -7.68 22.41 -15.72
C VAL A 191 -8.33 23.73 -15.27
N ASP A 192 -8.89 24.47 -16.24
CA ASP A 192 -9.54 25.76 -15.90
C ASP A 192 -10.75 25.52 -14.98
N LEU A 193 -11.50 24.47 -15.27
CA LEU A 193 -12.64 24.09 -14.46
C LEU A 193 -12.24 23.74 -13.01
N LEU A 194 -11.17 22.95 -12.85
CA LEU A 194 -10.61 22.63 -11.51
C LEU A 194 -10.38 23.86 -10.67
N LYS A 195 -9.78 24.87 -11.27
CA LYS A 195 -9.40 26.07 -10.56
C LYS A 195 -10.58 27.05 -10.41
N SER A 196 -11.37 27.23 -11.48
CA SER A 196 -12.44 28.24 -11.49
C SER A 196 -13.81 27.78 -10.94
N LYS A 197 -14.14 26.50 -11.05
CA LYS A 197 -15.44 26.00 -10.62
C LYS A 197 -15.28 25.20 -9.33
N PHE A 198 -14.33 24.28 -9.31
CA PHE A 198 -14.19 23.36 -8.17
C PHE A 198 -13.36 23.90 -7.01
N GLY A 199 -12.67 25.01 -7.21
CA GLY A 199 -11.88 25.61 -6.14
C GLY A 199 -10.58 24.91 -5.75
N PHE A 200 -9.99 24.11 -6.66
CA PHE A 200 -8.67 23.56 -6.42
C PHE A 200 -7.68 24.72 -6.33
N ASP A 201 -6.66 24.60 -5.48
CA ASP A 201 -5.66 25.65 -5.35
C ASP A 201 -4.82 25.75 -6.61
N GLU A 202 -4.47 24.60 -7.18
CA GLU A 202 -3.68 24.57 -8.42
C GLU A 202 -4.12 23.38 -9.23
N ALA A 203 -3.80 23.36 -10.53
CA ALA A 203 -4.14 22.21 -11.35
C ALA A 203 -3.24 22.28 -12.55
N PHE A 204 -2.96 21.14 -13.16
CA PHE A 204 -2.14 21.17 -14.36
C PHE A 204 -2.58 20.09 -15.33
N ASN A 205 -2.23 20.33 -16.58
CA ASN A 205 -2.52 19.36 -17.62
C ASN A 205 -1.36 18.38 -17.68
N TYR A 206 -1.59 17.14 -17.26
CA TYR A 206 -0.49 16.18 -17.23
C TYR A 206 0.13 15.90 -18.62
N LYS A 207 -0.62 16.10 -19.70
CA LYS A 207 -0.12 15.85 -21.06
C LYS A 207 0.95 16.86 -21.49
N GLU A 208 0.97 18.04 -20.86
CA GLU A 208 1.91 19.12 -21.22
C GLU A 208 3.15 19.14 -20.33
N GLU A 209 3.27 18.18 -19.43
CA GLU A 209 4.41 18.13 -18.53
C GLU A 209 5.45 17.18 -19.08
N GLN A 210 6.67 17.66 -19.21
CA GLN A 210 7.81 16.84 -19.63
C GLN A 210 8.20 15.75 -18.60
N ASP A 211 8.00 16.05 -17.32
CA ASP A 211 8.44 15.20 -16.22
CA ASP A 211 8.36 15.15 -16.24
C ASP A 211 7.41 15.37 -15.10
N LEU A 212 6.55 14.38 -14.90
CA LEU A 212 5.51 14.50 -13.88
C LEU A 212 6.08 14.69 -12.47
N SER A 213 7.19 14.01 -12.14
CA SER A 213 7.77 14.22 -10.80
C SER A 213 8.31 15.66 -10.57
N ALA A 214 8.89 16.28 -11.60
CA ALA A 214 9.22 17.70 -11.54
C ALA A 214 7.95 18.59 -11.43
N ALA A 215 6.89 18.28 -12.20
CA ALA A 215 5.64 19.04 -12.09
C ALA A 215 5.14 18.99 -10.65
N LEU A 216 5.12 17.79 -10.07
CA LEU A 216 4.55 17.68 -8.71
C LEU A 216 5.41 18.39 -7.66
N LYS A 217 6.73 18.35 -7.86
CA LYS A 217 7.67 19.03 -6.97
C LYS A 217 7.38 20.54 -7.00
N ARG A 218 7.08 21.04 -8.20
CA ARG A 218 6.76 22.47 -8.41
C ARG A 218 5.47 22.88 -7.63
N TYR A 219 4.44 22.04 -7.66
CA TYR A 219 3.22 22.31 -6.90
C TYR A 219 3.28 21.96 -5.42
N PHE A 220 4.15 21.02 -5.04
CA PHE A 220 4.23 20.56 -3.67
C PHE A 220 5.67 20.67 -3.21
N PRO A 221 6.13 21.90 -2.97
CA PRO A 221 7.55 22.05 -2.60
C PRO A 221 7.95 21.32 -1.32
N ASP A 222 7.00 21.10 -0.40
CA ASP A 222 7.24 20.35 0.85
C ASP A 222 6.72 18.91 0.80
N GLY A 223 6.26 18.50 -0.38
CA GLY A 223 5.68 17.17 -0.55
C GLY A 223 4.16 17.01 -0.38
N ILE A 224 3.70 15.81 -0.68
CA ILE A 224 2.26 15.52 -0.70
C ILE A 224 1.90 14.65 0.51
N ASP A 225 0.98 15.10 1.36
CA ASP A 225 0.47 14.24 2.43
C ASP A 225 -0.46 13.11 1.97
N ILE A 226 -1.33 13.41 1.03
CA ILE A 226 -2.39 12.47 0.57
C ILE A 226 -2.50 12.46 -0.94
N TYR A 227 -2.37 11.26 -1.53
CA TYR A 227 -2.68 11.11 -2.96
C TYR A 227 -3.94 10.31 -3.10
N PHE A 228 -4.93 10.89 -3.75
CA PHE A 228 -6.14 10.14 -4.13
C PHE A 228 -5.96 9.61 -5.54
N GLU A 229 -5.66 8.31 -5.63
CA GLU A 229 -5.12 7.69 -6.87
C GLU A 229 -6.28 7.15 -7.75
N ASN A 230 -6.47 7.72 -8.93
CA ASN A 230 -7.51 7.32 -9.87
C ASN A 230 -6.85 6.80 -11.13
N VAL A 231 -5.52 6.98 -11.29
CA VAL A 231 -4.92 6.77 -12.63
C VAL A 231 -3.86 5.66 -12.70
N GLY A 232 -3.02 5.58 -11.66
CA GLY A 232 -1.93 4.61 -11.70
C GLY A 232 -0.84 4.95 -12.72
N GLY A 233 -0.05 3.94 -13.04
CA GLY A 233 0.99 4.05 -14.07
C GLY A 233 2.11 4.99 -13.63
N LYS A 234 2.66 5.69 -14.62
CA LYS A 234 3.72 6.67 -14.42
C LYS A 234 3.35 7.80 -13.44
N MET A 235 2.08 8.18 -13.36
CA MET A 235 1.68 9.19 -12.38
C MET A 235 1.94 8.69 -10.96
N LEU A 236 1.68 7.41 -10.72
CA LEU A 236 1.85 6.92 -9.34
C LEU A 236 3.34 6.96 -8.96
N ASP A 237 4.20 6.50 -9.86
CA ASP A 237 5.63 6.64 -9.65
C ASP A 237 6.10 8.09 -9.39
N ALA A 238 5.50 9.07 -10.06
CA ALA A 238 5.87 10.50 -9.86
C ALA A 238 5.42 10.97 -8.47
N VAL A 239 4.25 10.50 -8.04
CA VAL A 239 3.73 10.83 -6.70
C VAL A 239 4.62 10.24 -5.59
N LEU A 240 5.03 8.98 -5.74
CA LEU A 240 5.73 8.27 -4.67
C LEU A 240 6.99 9.04 -4.24
N VAL A 241 7.74 9.54 -5.21
CA VAL A 241 8.95 10.28 -4.90
C VAL A 241 8.69 11.69 -4.31
N ASN A 242 7.44 12.12 -4.36
CA ASN A 242 7.04 13.41 -3.83
C ASN A 242 6.21 13.36 -2.53
N MET A 243 6.03 12.15 -1.94
CA MET A 243 5.19 12.03 -0.75
CA MET A 243 5.20 12.04 -0.74
C MET A 243 5.91 12.52 0.50
N LYS A 244 5.16 13.10 1.42
CA LYS A 244 5.66 13.45 2.72
C LYS A 244 5.80 12.21 3.60
N LEU A 245 6.55 12.34 4.71
CA LEU A 245 6.54 11.29 5.73
C LEU A 245 5.14 11.01 6.22
N TYR A 246 4.83 9.72 6.39
CA TYR A 246 3.51 9.21 6.82
C TYR A 246 2.39 9.56 5.85
N GLY A 247 2.80 9.81 4.61
CA GLY A 247 1.85 10.11 3.54
C GLY A 247 0.91 8.93 3.32
N ARG A 248 -0.26 9.21 2.76
CA ARG A 248 -1.25 8.14 2.49
C ARG A 248 -1.71 8.18 1.05
N ILE A 249 -1.85 7.01 0.44
CA ILE A 249 -2.39 6.90 -0.92
C ILE A 249 -3.62 6.05 -0.88
N ALA A 250 -4.78 6.65 -1.18
CA ALA A 250 -6.04 5.87 -1.26
C ALA A 250 -6.12 5.35 -2.68
N VAL A 251 -5.98 4.04 -2.87
CA VAL A 251 -5.91 3.52 -4.22
C VAL A 251 -7.36 3.23 -4.65
N CYS A 252 -7.90 4.15 -5.44
CA CYS A 252 -9.29 4.07 -5.86
C CYS A 252 -9.37 3.41 -7.23
N GLY A 253 -8.57 3.91 -8.16
CA GLY A 253 -8.62 3.39 -9.52
C GLY A 253 -7.27 3.46 -10.16
N MET A 254 -7.11 2.82 -11.31
CA MET A 254 -5.88 2.93 -12.10
C MET A 254 -6.24 2.95 -13.56
N ILE A 255 -7.07 3.91 -13.95
CA ILE A 255 -7.62 3.93 -15.32
C ILE A 255 -6.59 3.92 -16.45
N SER A 256 -5.39 4.43 -16.21
CA SER A 256 -4.36 4.38 -17.27
C SER A 256 -3.96 2.92 -17.65
N GLN A 257 -4.27 1.98 -16.76
CA GLN A 257 -3.95 0.55 -16.96
C GLN A 257 -5.06 -0.32 -17.55
N TYR A 258 -6.30 0.17 -17.56
CA TYR A 258 -7.45 -0.69 -17.87
C TYR A 258 -7.49 -1.25 -19.28
N ASN A 259 -6.89 -0.52 -20.20
CA ASN A 259 -6.90 -0.95 -21.61
C ASN A 259 -5.60 -1.58 -22.09
N LEU A 260 -4.72 -1.91 -21.16
CA LEU A 260 -3.41 -2.46 -21.54
C LEU A 260 -3.48 -3.96 -21.49
N GLU A 261 -2.79 -4.64 -22.39
CA GLU A 261 -2.74 -6.09 -22.26
C GLU A 261 -1.67 -6.54 -21.27
N GLN A 262 -0.66 -5.69 -21.04
CA GLN A 262 0.29 -5.87 -19.92
C GLN A 262 0.40 -4.52 -19.21
N THR A 263 0.17 -4.51 -17.90
CA THR A 263 0.31 -3.28 -17.14
C THR A 263 1.76 -2.70 -17.18
N GLU A 264 1.88 -1.40 -16.97
CA GLU A 264 3.19 -0.77 -16.80
C GLU A 264 3.75 -1.12 -15.42
N GLY A 265 5.07 -1.35 -15.33
CA GLY A 265 5.68 -1.62 -14.00
C GLY A 265 5.77 -0.35 -13.15
N VAL A 266 5.52 -0.48 -11.85
CA VAL A 266 5.69 0.63 -10.92
C VAL A 266 7.03 0.39 -10.23
N HIS A 267 7.91 1.39 -10.26
CA HIS A 267 9.31 1.21 -9.87
C HIS A 267 9.73 1.81 -8.54
N ASN A 268 8.86 2.67 -7.99
CA ASN A 268 9.29 3.49 -6.86
C ASN A 268 8.74 3.07 -5.50
N LEU A 269 8.35 1.79 -5.35
CA LEU A 269 7.70 1.36 -4.10
C LEU A 269 8.64 1.41 -2.90
N PHE A 270 9.95 1.50 -3.16
CA PHE A 270 10.93 1.67 -2.09
CA PHE A 270 10.88 1.62 -2.05
C PHE A 270 10.58 2.87 -1.21
N CYS A 271 9.97 3.92 -1.83
CA CYS A 271 9.53 5.12 -1.10
C CYS A 271 8.57 4.80 0.04
N LEU A 272 7.80 3.72 -0.09
CA LEU A 272 6.89 3.34 1.03
C LEU A 272 7.67 3.16 2.31
N ILE A 273 8.87 2.64 2.20
CA ILE A 273 9.71 2.44 3.39
C ILE A 273 10.35 3.75 3.91
N THR A 274 11.08 4.44 3.03
CA THR A 274 11.82 5.66 3.44
C THR A 274 10.85 6.73 3.97
N LYS A 275 9.65 6.75 3.42
CA LYS A 275 8.62 7.75 3.79
C LYS A 275 7.50 7.19 4.67
N ARG A 276 7.54 5.89 4.99
CA ARG A 276 6.52 5.25 5.80
C ARG A 276 5.08 5.57 5.31
N ILE A 277 4.84 5.26 4.06
CA ILE A 277 3.57 5.54 3.37
C ILE A 277 2.61 4.38 3.60
N ARG A 278 1.34 4.72 3.85
CA ARG A 278 0.28 3.71 3.79
C ARG A 278 -0.43 3.84 2.42
N MET A 279 -0.39 2.77 1.63
CA MET A 279 -1.07 2.72 0.34
C MET A 279 -2.14 1.66 0.47
N GLU A 280 -3.41 2.06 0.37
CA GLU A 280 -4.47 1.17 0.73
C GLU A 280 -5.54 1.23 -0.35
N GLY A 281 -5.93 0.08 -0.86
CA GLY A 281 -7.01 0.00 -1.83
C GLY A 281 -8.34 -0.14 -1.12
N PHE A 282 -9.41 0.23 -1.80
CA PHE A 282 -10.75 0.13 -1.20
C PHE A 282 -11.79 -0.07 -2.30
N LEU A 283 -12.94 -0.62 -1.91
CA LEU A 283 -14.07 -0.72 -2.81
C LEU A 283 -15.27 -0.03 -2.15
N VAL A 284 -15.92 0.82 -2.95
CA VAL A 284 -17.02 1.64 -2.43
C VAL A 284 -18.14 0.73 -1.88
N PHE A 285 -18.28 -0.45 -2.49
CA PHE A 285 -19.25 -1.47 -2.07
C PHE A 285 -19.15 -1.78 -0.56
N ASP A 286 -17.98 -1.57 0.04
CA ASP A 286 -17.75 -1.88 1.46
C ASP A 286 -18.19 -0.77 2.41
N TYR A 287 -18.60 0.36 1.84
CA TYR A 287 -18.85 1.55 2.62
C TYR A 287 -20.30 2.04 2.53
N TYR A 288 -21.21 1.26 1.94
CA TYR A 288 -22.59 1.74 1.78
C TYR A 288 -23.32 2.04 3.11
N HIS A 289 -22.79 1.53 4.22
CA HIS A 289 -23.40 1.81 5.55
C HIS A 289 -23.22 3.29 5.87
N LEU A 290 -22.30 3.94 5.17
CA LEU A 290 -22.08 5.38 5.32
C LEU A 290 -22.93 6.26 4.36
N TYR A 291 -23.74 5.63 3.51
CA TYR A 291 -24.45 6.35 2.45
C TYR A 291 -25.50 7.35 3.05
N PRO A 292 -26.21 6.94 4.13
CA PRO A 292 -27.10 7.95 4.78
C PRO A 292 -26.39 9.18 5.29
N LYS A 293 -25.29 8.99 6.00
CA LYS A 293 -24.47 10.10 6.47
C LYS A 293 -24.04 10.99 5.31
N TYR A 294 -23.51 10.38 4.25
CA TYR A 294 -23.07 11.12 3.07
C TYR A 294 -24.20 12.00 2.49
N LEU A 295 -25.35 11.39 2.25
CA LEU A 295 -26.48 12.02 1.60
C LEU A 295 -27.01 13.17 2.46
N GLU A 296 -26.99 12.99 3.77
CA GLU A 296 -27.43 14.02 4.68
C GLU A 296 -26.46 15.18 4.77
N MET A 297 -25.18 14.91 4.56
CA MET A 297 -24.19 15.97 4.53
C MET A 297 -24.28 16.68 3.18
N VAL A 298 -24.24 15.90 2.08
CA VAL A 298 -24.00 16.52 0.78
C VAL A 298 -25.21 17.21 0.14
N ILE A 299 -26.42 16.69 0.34
CA ILE A 299 -27.56 17.30 -0.34
C ILE A 299 -27.77 18.77 0.12
N PRO A 300 -27.69 19.05 1.43
CA PRO A 300 -27.81 20.45 1.83
C PRO A 300 -26.68 21.31 1.28
N GLN A 301 -25.48 20.75 1.16
CA GLN A 301 -24.34 21.49 0.60
CA GLN A 301 -24.36 21.49 0.58
C GLN A 301 -24.58 21.82 -0.89
N ILE A 302 -25.14 20.87 -1.64
CA ILE A 302 -25.51 21.07 -3.06
C ILE A 302 -26.58 22.20 -3.16
N LYS A 303 -27.63 22.11 -2.35
CA LYS A 303 -28.74 23.09 -2.39
C LYS A 303 -28.24 24.46 -1.94
N ALA A 304 -27.20 24.50 -1.13
CA ALA A 304 -26.67 25.79 -0.71
C ALA A 304 -25.53 26.31 -1.61
N GLY A 305 -25.20 25.60 -2.68
CA GLY A 305 -24.11 25.98 -3.59
C GLY A 305 -22.71 25.88 -2.98
N LYS A 306 -22.57 25.12 -1.89
CA LYS A 306 -21.24 24.94 -1.28
C LYS A 306 -20.45 23.78 -1.92
N VAL A 307 -21.17 22.79 -2.42
CA VAL A 307 -20.60 21.74 -3.28
C VAL A 307 -21.26 21.82 -4.66
N VAL A 308 -20.45 21.70 -5.72
CA VAL A 308 -20.93 21.90 -7.09
C VAL A 308 -20.60 20.67 -7.91
N TYR A 309 -21.25 20.50 -9.07
CA TYR A 309 -21.00 19.30 -9.86
C TYR A 309 -21.13 19.60 -11.32
N VAL A 310 -20.41 18.83 -12.13
CA VAL A 310 -20.48 18.95 -13.57
C VAL A 310 -20.64 17.53 -14.08
N GLU A 311 -21.69 17.31 -14.87
CA GLU A 311 -21.92 16.03 -15.51
C GLU A 311 -22.07 16.29 -17.02
N ASP A 312 -21.87 15.24 -17.79
CA ASP A 312 -21.93 15.29 -19.25
C ASP A 312 -23.02 14.29 -19.59
N VAL A 313 -24.15 14.77 -20.12
CA VAL A 313 -25.35 13.96 -20.35
C VAL A 313 -25.49 13.65 -21.87
N ALA A 314 -25.21 12.42 -22.26
CA ALA A 314 -25.47 11.98 -23.65
C ALA A 314 -26.94 11.62 -23.80
N HIS A 315 -27.50 11.83 -25.00
CA HIS A 315 -28.92 11.59 -25.14
C HIS A 315 -29.26 10.38 -25.98
N GLY A 316 -30.04 9.47 -25.38
CA GLY A 316 -30.51 8.27 -26.07
C GLY A 316 -29.61 7.07 -25.91
N LEU A 317 -30.19 5.88 -25.83
CA LEU A 317 -29.36 4.66 -25.78
C LEU A 317 -28.37 4.52 -26.94
N GLU A 318 -28.78 5.00 -28.11
CA GLU A 318 -27.88 4.97 -29.28
C GLU A 318 -26.56 5.72 -29.02
N SER A 319 -26.54 6.64 -28.05
CA SER A 319 -25.32 7.37 -27.74
C SER A 319 -24.47 6.68 -26.70
N ALA A 320 -25.01 5.63 -26.11
CA ALA A 320 -24.29 5.01 -24.98
C ALA A 320 -22.93 4.41 -25.33
N PRO A 321 -22.83 3.69 -26.47
CA PRO A 321 -21.50 3.17 -26.77
C PRO A 321 -20.45 4.28 -26.88
N THR A 322 -20.79 5.34 -27.60
CA THR A 322 -19.90 6.51 -27.73
C THR A 322 -19.51 7.10 -26.35
N ALA A 323 -20.51 7.22 -25.46
CA ALA A 323 -20.26 7.81 -24.15
C ALA A 323 -19.32 6.93 -23.32
N LEU A 324 -19.54 5.61 -23.36
CA LEU A 324 -18.67 4.69 -22.62
C LEU A 324 -17.22 4.70 -23.12
N VAL A 325 -17.04 4.49 -24.44
CA VAL A 325 -15.73 4.48 -25.04
C VAL A 325 -14.96 5.79 -24.78
N GLY A 326 -15.70 6.90 -24.79
CA GLY A 326 -15.12 8.23 -24.60
C GLY A 326 -14.46 8.47 -23.25
N LEU A 327 -14.87 7.72 -22.23
CA LEU A 327 -14.19 7.78 -20.91
C LEU A 327 -12.67 7.58 -21.04
N PHE A 328 -12.28 6.66 -21.94
CA PHE A 328 -10.87 6.24 -22.06
C PHE A 328 -10.00 7.15 -22.89
N SER A 329 -10.63 8.11 -23.54
CA SER A 329 -9.88 9.16 -24.18
C SER A 329 -10.15 10.51 -23.55
N GLY A 330 -10.85 10.53 -22.42
CA GLY A 330 -11.11 11.81 -21.73
C GLY A 330 -12.13 12.72 -22.39
N ARG A 331 -13.01 12.16 -23.23
CA ARG A 331 -14.06 12.96 -23.89
C ARG A 331 -15.11 13.48 -22.91
N ASN A 332 -15.36 12.73 -21.84
CA ASN A 332 -16.29 13.25 -20.80
C ASN A 332 -15.73 14.47 -20.12
N ILE A 333 -16.60 15.44 -19.83
CA ILE A 333 -16.23 16.55 -18.97
C ILE A 333 -17.07 16.41 -17.70
N GLY A 334 -16.44 16.00 -16.63
CA GLY A 334 -17.19 15.52 -15.46
C GLY A 334 -17.83 14.13 -15.69
N LYS A 335 -18.78 13.82 -14.83
CA LYS A 335 -19.39 12.49 -14.75
C LYS A 335 -20.19 12.20 -16.03
N GLN A 336 -19.85 11.12 -16.73
CA GLN A 336 -20.53 10.79 -17.97
C GLN A 336 -21.83 10.00 -17.71
N VAL A 337 -22.95 10.53 -18.22
CA VAL A 337 -24.30 10.01 -17.99
C VAL A 337 -24.93 9.74 -19.35
N VAL A 338 -25.86 8.78 -19.44
CA VAL A 338 -26.69 8.64 -20.65
C VAL A 338 -28.15 8.81 -20.23
N MET A 339 -28.85 9.71 -20.90
CA MET A 339 -30.28 9.90 -20.66
C MET A 339 -31.03 8.94 -21.57
N VAL A 340 -31.74 8.00 -20.97
CA VAL A 340 -32.43 6.95 -21.72
C VAL A 340 -33.78 7.49 -22.24
N SER A 341 -34.49 8.19 -21.37
CA SER A 341 -35.86 8.55 -21.60
C SER A 341 -36.16 9.97 -21.19
N ARG A 342 -36.57 10.71 -22.21
CA ARG A 342 -37.55 11.82 -22.23
C ARG A 342 -37.43 12.33 -23.66
N ALA B 2 43.71 9.07 32.62
CA ALA B 2 42.89 8.38 31.63
C ALA B 2 43.68 7.24 30.95
N GLU B 3 43.00 6.15 30.62
CA GLU B 3 43.67 5.05 29.92
C GLU B 3 43.91 5.45 28.47
N GLU B 4 45.03 5.05 27.93
CA GLU B 4 45.36 5.33 26.53
C GLU B 4 45.74 3.98 25.97
N VAL B 5 45.06 3.56 24.90
CA VAL B 5 45.08 2.15 24.46
C VAL B 5 45.12 2.05 22.95
N SER B 6 45.62 0.95 22.45
CA SER B 6 45.67 0.77 21.01
C SER B 6 44.22 0.45 20.57
N ASN B 7 43.86 0.94 19.39
CA ASN B 7 42.48 0.86 18.92
C ASN B 7 42.50 0.47 17.44
N LYS B 8 42.11 -0.77 17.14
CA LYS B 8 41.98 -1.22 15.76
C LYS B 8 40.64 -0.75 15.20
N GLN B 9 40.62 -0.34 13.93
CA GLN B 9 39.42 0.22 13.32
C GLN B 9 39.26 -0.37 11.92
N VAL B 10 38.00 -0.51 11.49
CA VAL B 10 37.70 -0.84 10.09
C VAL B 10 37.28 0.47 9.42
N ILE B 11 38.04 0.82 8.39
CA ILE B 11 38.00 2.10 7.71
C ILE B 11 37.46 1.85 6.32
N LEU B 12 36.61 2.74 5.83
CA LEU B 12 36.20 2.72 4.44
C LEU B 12 37.34 3.30 3.63
N LYS B 13 37.91 2.51 2.72
CA LYS B 13 39.03 2.99 1.90
C LYS B 13 38.52 3.94 0.81
N ASN B 14 37.37 3.62 0.24
CA ASN B 14 36.76 4.41 -0.82
C ASN B 14 35.26 4.16 -0.91
N TYR B 15 34.56 5.06 -1.60
CA TYR B 15 33.15 4.84 -1.91
C TYR B 15 32.97 3.60 -2.78
N VAL B 16 31.79 3.00 -2.64
CA VAL B 16 31.44 1.75 -3.29
C VAL B 16 30.63 2.03 -4.55
N PRO B 20 30.50 -4.54 -3.71
CA PRO B 20 31.25 -4.18 -2.48
C PRO B 20 32.23 -5.26 -2.05
N LYS B 21 33.52 -4.93 -2.09
CA LYS B 21 34.59 -5.89 -1.86
C LYS B 21 35.31 -5.64 -0.53
N GLU B 22 36.03 -6.66 -0.04
CA GLU B 22 36.89 -6.53 1.16
C GLU B 22 37.88 -5.38 1.00
N SER B 23 38.39 -5.23 -0.22
CA SER B 23 39.41 -4.25 -0.55
C SER B 23 38.88 -2.82 -0.52
N ASP B 24 37.57 -2.65 -0.38
CA ASP B 24 36.99 -1.32 -0.19
C ASP B 24 37.09 -0.87 1.27
N MET B 25 37.52 -1.80 2.13
CA MET B 25 37.77 -1.50 3.54
C MET B 25 39.21 -1.79 3.91
N GLU B 26 39.60 -1.37 5.11
CA GLU B 26 40.96 -1.41 5.53
C GLU B 26 41.02 -1.42 7.05
N ILE B 27 41.96 -2.17 7.62
CA ILE B 27 42.21 -2.16 9.07
C ILE B 27 43.27 -1.12 9.37
N LYS B 28 43.00 -0.27 10.34
CA LYS B 28 43.91 0.75 10.71
C LYS B 28 44.12 0.59 12.21
N ASN B 29 45.35 0.82 12.66
CA ASN B 29 45.65 0.74 14.10
C ASN B 29 46.07 2.12 14.59
N VAL B 30 45.31 2.67 15.54
CA VAL B 30 45.58 4.00 16.07
C VAL B 30 45.63 3.89 17.60
N THR B 31 45.84 5.01 18.27
CA THR B 31 45.83 5.06 19.72
C THR B 31 44.65 5.91 20.12
N ILE B 32 43.98 5.57 21.23
CA ILE B 32 42.83 6.37 21.68
C ILE B 32 43.05 6.66 23.16
N LYS B 33 42.77 7.90 23.59
CA LYS B 33 42.69 8.19 25.01
C LYS B 33 41.22 8.01 25.44
N LEU B 34 40.98 7.22 26.47
CA LEU B 34 39.61 6.81 26.81
C LEU B 34 39.06 7.83 27.78
N LYS B 35 38.69 8.99 27.25
CA LYS B 35 38.28 10.13 28.08
C LYS B 35 37.10 10.81 27.40
N VAL B 36 36.13 11.26 28.19
CA VAL B 36 34.99 12.00 27.66
C VAL B 36 35.49 13.39 27.23
N PRO B 37 35.35 13.74 25.95
CA PRO B 37 35.83 15.05 25.52
C PRO B 37 35.23 16.16 26.39
N GLU B 38 36.09 17.07 26.79
CA GLU B 38 35.79 18.09 27.79
C GLU B 38 34.46 18.81 27.55
N GLY B 39 33.64 18.89 28.59
CA GLY B 39 32.34 19.52 28.53
C GLY B 39 31.21 18.85 27.76
N SER B 40 31.48 17.72 27.10
CA SER B 40 30.43 17.01 26.36
C SER B 40 29.65 16.09 27.29
N ASN B 41 28.55 15.54 26.78
CA ASN B 41 27.84 14.46 27.44
C ASN B 41 28.15 13.08 26.81
N ASP B 42 29.29 12.97 26.13
CA ASP B 42 29.67 11.76 25.39
C ASP B 42 29.80 10.49 26.25
N VAL B 43 29.73 9.35 25.58
CA VAL B 43 29.91 8.07 26.25
C VAL B 43 31.07 7.33 25.56
N VAL B 44 32.06 6.95 26.35
CA VAL B 44 33.22 6.19 25.82
C VAL B 44 32.95 4.70 26.07
N VAL B 45 32.98 3.89 25.01
CA VAL B 45 32.67 2.47 25.14
C VAL B 45 33.74 1.58 24.52
N LYS B 46 33.74 0.32 24.98
CA LYS B 46 34.52 -0.75 24.40
C LYS B 46 33.53 -1.63 23.65
N ASN B 47 33.75 -1.83 22.35
CA ASN B 47 32.78 -2.56 21.55
C ASN B 47 33.01 -4.04 21.69
N LEU B 48 31.90 -4.78 21.84
CA LEU B 48 31.93 -6.23 22.11
C LEU B 48 31.49 -7.00 20.89
N TYR B 49 30.35 -6.55 20.32
CA TYR B 49 29.76 -7.15 19.10
C TYR B 49 29.31 -6.07 18.16
N LEU B 50 29.52 -6.34 16.86
CA LEU B 50 29.05 -5.47 15.80
C LEU B 50 28.12 -6.27 14.89
N SER B 51 27.04 -5.62 14.47
CA SER B 51 26.01 -6.21 13.64
C SER B 51 26.34 -5.89 12.20
N CYS B 52 26.10 -6.83 11.30
CA CYS B 52 26.20 -6.50 9.88
C CYS B 52 24.77 -6.43 9.36
N ASP B 53 24.34 -5.25 8.96
CA ASP B 53 22.94 -5.03 8.60
C ASP B 53 22.89 -4.60 7.14
N PRO B 54 21.93 -5.13 6.37
CA PRO B 54 21.82 -4.81 4.92
C PRO B 54 21.79 -3.31 4.56
N TYR B 55 21.13 -2.49 5.38
CA TYR B 55 21.00 -1.06 5.13
C TYR B 55 22.37 -0.35 4.99
N MET B 56 23.43 -0.96 5.52
CA MET B 56 24.80 -0.42 5.40
C MET B 56 25.28 -0.23 3.98
N ARG B 57 24.69 -0.94 3.02
CA ARG B 57 25.02 -0.75 1.60
C ARG B 57 24.73 0.67 1.15
N SER B 58 23.55 1.16 1.55
CA SER B 58 23.08 2.52 1.21
C SER B 58 24.08 3.60 1.62
N ARG B 59 24.79 3.37 2.74
CA ARG B 59 25.72 4.34 3.33
C ARG B 59 27.16 4.32 2.73
N MET B 60 27.46 3.31 1.92
CA MET B 60 28.81 3.10 1.39
C MET B 60 29.09 3.84 0.08
N ARG B 61 28.07 4.53 -0.43
CA ARG B 61 28.17 5.20 -1.71
C ARG B 61 28.01 6.70 -1.55
N GLU B 69 24.18 11.22 5.77
CA GLU B 69 23.88 9.89 6.28
C GLU B 69 24.85 8.81 5.79
N SER B 70 25.67 9.12 4.77
CA SER B 70 26.66 8.16 4.26
C SER B 70 27.92 8.07 5.14
N PHE B 71 28.68 6.97 5.00
CA PHE B 71 30.04 6.85 5.55
C PHE B 71 31.01 7.76 4.79
N ALA B 72 32.13 8.06 5.43
CA ALA B 72 33.20 8.84 4.81
C ALA B 72 34.48 8.01 4.62
N PRO B 73 35.03 7.97 3.38
CA PRO B 73 36.32 7.33 3.13
C PRO B 73 37.41 7.93 4.01
N GLY B 74 38.17 7.05 4.66
CA GLY B 74 39.16 7.46 5.64
C GLY B 74 38.67 7.33 7.08
N SER B 75 37.35 7.29 7.28
CA SER B 75 36.75 7.18 8.63
C SER B 75 36.21 5.77 8.91
N PRO B 76 36.02 5.45 10.21
CA PRO B 76 35.51 4.12 10.55
C PRO B 76 34.10 3.92 10.02
N ILE B 77 33.81 2.70 9.61
CA ILE B 77 32.42 2.29 9.39
C ILE B 77 31.70 2.42 10.75
N THR B 78 30.40 2.71 10.72
CA THR B 78 29.56 2.70 11.91
C THR B 78 28.36 1.77 11.66
N GLY B 79 27.76 1.30 12.75
CA GLY B 79 26.62 0.38 12.70
C GLY B 79 26.15 0.10 14.13
N TYR B 80 25.12 -0.74 14.26
CA TYR B 80 24.63 -1.21 15.55
C TYR B 80 25.59 -2.20 16.16
N GLY B 81 25.79 -2.08 17.47
CA GLY B 81 26.70 -2.96 18.17
C GLY B 81 26.27 -3.06 19.62
N VAL B 82 27.03 -3.85 20.38
CA VAL B 82 26.86 -4.03 21.80
C VAL B 82 28.20 -3.65 22.42
N ALA B 83 28.19 -2.85 23.49
CA ALA B 83 29.44 -2.29 24.01
C ALA B 83 29.35 -2.16 25.52
N LYS B 84 30.51 -2.03 26.17
CA LYS B 84 30.55 -1.78 27.60
C LYS B 84 30.98 -0.34 27.81
N VAL B 85 30.26 0.37 28.67
CA VAL B 85 30.60 1.74 28.99
C VAL B 85 31.87 1.79 29.88
N LEU B 86 32.82 2.63 29.46
CA LEU B 86 34.07 2.82 30.18
C LEU B 86 34.06 4.15 30.93
N GLU B 87 33.57 5.19 30.28
CA GLU B 87 33.44 6.54 30.87
C GLU B 87 32.20 7.21 30.28
N SER B 88 31.53 8.00 31.10
CA SER B 88 30.33 8.65 30.62
C SER B 88 30.24 10.09 31.10
N GLY B 89 29.84 11.01 30.20
CA GLY B 89 29.55 12.40 30.53
C GLY B 89 28.04 12.63 30.50
N ASP B 90 27.31 11.52 30.55
CA ASP B 90 25.87 11.48 30.45
C ASP B 90 25.33 10.72 31.66
N PRO B 91 24.52 11.40 32.52
CA PRO B 91 23.91 10.81 33.72
C PRO B 91 23.24 9.44 33.51
N LYS B 92 22.66 9.21 32.34
CA LYS B 92 21.97 7.95 32.06
C LYS B 92 22.85 6.73 31.91
N PHE B 93 24.17 6.92 31.87
CA PHE B 93 25.10 5.79 31.69
C PHE B 93 26.32 5.89 32.57
N GLN B 94 26.73 4.76 33.13
CA GLN B 94 27.89 4.73 34.00
C GLN B 94 28.85 3.61 33.63
N LYS B 95 30.12 3.78 33.99
CA LYS B 95 31.14 2.76 33.81
C LYS B 95 30.61 1.39 34.19
N GLY B 96 30.81 0.41 33.33
CA GLY B 96 30.34 -0.95 33.60
C GLY B 96 28.99 -1.31 32.97
N ASP B 97 28.19 -0.31 32.60
CA ASP B 97 26.92 -0.55 31.91
C ASP B 97 27.17 -1.24 30.55
N LEU B 98 26.30 -2.18 30.19
CA LEU B 98 26.28 -2.75 28.84
C LEU B 98 25.20 -2.03 28.05
N VAL B 99 25.51 -1.70 26.80
CA VAL B 99 24.58 -0.92 26.01
C VAL B 99 24.52 -1.49 24.59
N TRP B 100 23.41 -1.24 23.88
CA TRP B 100 23.39 -1.45 22.43
C TRP B 100 22.91 -0.18 21.70
N GLY B 101 23.36 -0.04 20.45
CA GLY B 101 23.11 1.18 19.71
C GLY B 101 24.10 1.36 18.57
N MET B 102 24.10 2.56 18.01
CA MET B 102 25.04 2.92 16.95
C MET B 102 26.42 3.12 17.58
N THR B 103 27.43 2.51 16.98
CA THR B 103 28.79 2.64 17.48
C THR B 103 29.75 2.51 16.29
N GLY B 104 31.05 2.64 16.53
CA GLY B 104 32.00 2.51 15.40
C GLY B 104 32.52 1.09 15.27
N TRP B 105 32.97 0.77 14.06
CA TRP B 105 33.67 -0.45 13.76
C TRP B 105 35.14 -0.38 14.20
N GLU B 106 35.34 -0.56 15.51
CA GLU B 106 36.61 -0.28 16.15
C GLU B 106 36.51 -0.89 17.54
N GLU B 107 37.64 -1.00 18.21
CA GLU B 107 37.61 -1.59 19.54
C GLU B 107 36.96 -0.69 20.55
N TYR B 108 37.16 0.61 20.38
CA TYR B 108 36.62 1.64 21.30
C TYR B 108 36.02 2.83 20.55
N SER B 109 34.90 3.33 21.04
CA SER B 109 34.18 4.40 20.36
C SER B 109 33.79 5.45 21.36
N ILE B 110 33.81 6.69 20.88
CA ILE B 110 33.22 7.79 21.63
C ILE B 110 31.88 8.12 20.97
N ILE B 111 30.79 7.94 21.72
CA ILE B 111 29.45 8.05 21.18
C ILE B 111 28.79 9.33 21.72
N THR B 112 28.17 10.09 20.82
CA THR B 112 27.61 11.40 21.19
C THR B 112 26.15 11.28 21.60
N PRO B 113 25.62 12.31 22.30
CA PRO B 113 24.25 12.17 22.84
C PRO B 113 23.16 11.94 21.78
N THR B 114 23.48 12.17 20.50
CA THR B 114 22.48 12.15 19.42
C THR B 114 22.16 10.74 18.91
N LEU B 117 20.77 4.68 21.77
CA LEU B 117 21.63 3.98 22.76
C LEU B 117 20.82 3.43 23.94
N PHE B 118 20.73 2.10 24.02
CA PHE B 118 19.88 1.44 25.03
C PHE B 118 20.69 0.73 26.08
N LYS B 119 20.34 0.93 27.36
CA LYS B 119 20.99 0.18 28.43
CA LYS B 119 20.99 0.18 28.42
C LYS B 119 20.47 -1.25 28.40
N ILE B 120 21.36 -2.22 28.61
CA ILE B 120 21.01 -3.63 28.66
C ILE B 120 20.81 -4.03 30.12
N HIS B 121 19.68 -4.67 30.42
CA HIS B 121 19.35 -5.04 31.80
C HIS B 121 19.42 -6.54 32.07
N ASP B 122 19.20 -7.35 31.03
CA ASP B 122 19.16 -8.79 31.23
C ASP B 122 20.37 -9.43 30.60
N LYS B 123 21.26 -9.93 31.46
CA LYS B 123 22.49 -10.59 31.02
C LYS B 123 22.42 -12.13 31.00
N ASP B 124 21.23 -12.67 31.30
CA ASP B 124 20.95 -14.11 31.19
C ASP B 124 20.77 -14.67 29.76
N VAL B 125 20.89 -13.83 28.74
CA VAL B 125 20.87 -14.31 27.36
C VAL B 125 22.22 -13.97 26.77
N PRO B 126 22.67 -14.68 25.72
CA PRO B 126 23.96 -14.29 25.11
C PRO B 126 23.93 -12.80 24.69
N LEU B 127 25.02 -12.07 24.94
CA LEU B 127 25.03 -10.64 24.66
C LEU B 127 24.89 -10.35 23.19
N SER B 128 25.37 -11.27 22.34
CA SER B 128 25.26 -11.06 20.91
C SER B 128 23.80 -10.88 20.46
N TYR B 129 22.84 -11.42 21.24
CA TYR B 129 21.42 -11.27 20.92
C TYR B 129 20.97 -9.81 20.80
N TYR B 130 21.67 -8.89 21.48
CA TYR B 130 21.28 -7.49 21.39
C TYR B 130 21.74 -6.83 20.08
N THR B 131 22.31 -7.62 19.17
CA THR B 131 22.45 -7.20 17.77
C THR B 131 21.34 -7.81 16.88
N GLY B 132 20.47 -8.63 17.46
CA GLY B 132 19.51 -9.37 16.66
C GLY B 132 18.15 -9.38 17.33
N ILE B 133 17.78 -10.55 17.83
CA ILE B 133 16.48 -10.76 18.47
C ILE B 133 16.15 -9.74 19.55
N LEU B 134 17.14 -9.29 20.32
CA LEU B 134 16.89 -8.30 21.37
C LEU B 134 17.39 -6.90 20.98
N GLY B 135 17.82 -6.77 19.74
CA GLY B 135 18.22 -5.49 19.18
C GLY B 135 17.30 -4.96 18.09
N MET B 136 17.89 -4.29 17.11
CA MET B 136 17.12 -3.64 16.07
CA MET B 136 17.12 -3.63 16.07
C MET B 136 16.36 -4.65 15.20
N PRO B 137 16.99 -5.78 14.82
CA PRO B 137 16.16 -6.69 13.99
C PRO B 137 14.93 -7.26 14.74
N GLY B 138 15.08 -7.59 16.03
CA GLY B 138 13.94 -8.12 16.81
C GLY B 138 12.86 -7.07 16.91
N MET B 139 13.26 -5.83 17.15
CA MET B 139 12.29 -4.73 17.24
C MET B 139 11.56 -4.47 15.91
N THR B 140 12.28 -4.64 14.80
CA THR B 140 11.73 -4.53 13.43
C THR B 140 10.65 -5.59 13.17
N ALA B 141 10.94 -6.85 13.52
CA ALA B 141 9.97 -7.95 13.40
C ALA B 141 8.70 -7.67 14.23
N TYR B 142 8.89 -7.21 15.46
CA TYR B 142 7.79 -6.89 16.37
C TYR B 142 6.97 -5.72 15.86
N ALA B 143 7.60 -4.60 15.50
CA ALA B 143 6.90 -3.45 14.96
C ALA B 143 6.09 -3.80 13.69
N GLY B 144 6.78 -4.41 12.72
CA GLY B 144 6.18 -4.81 11.47
C GLY B 144 5.05 -5.81 11.64
N PHE B 145 5.28 -6.88 12.40
CA PHE B 145 4.23 -7.92 12.52
C PHE B 145 3.14 -7.55 13.53
N HIS B 146 3.53 -7.26 14.75
CA HIS B 146 2.55 -6.97 15.82
C HIS B 146 1.80 -5.65 15.58
N GLU B 147 2.46 -4.60 15.09
CA GLU B 147 1.79 -3.30 14.91
C GLU B 147 1.28 -3.08 13.51
N VAL B 148 2.14 -3.21 12.52
CA VAL B 148 1.72 -2.85 11.16
C VAL B 148 0.68 -3.83 10.58
N CYS B 149 0.90 -5.13 10.76
CA CYS B 149 0.07 -6.17 10.14
C CYS B 149 -1.31 -6.43 10.76
N SER B 150 -1.55 -5.91 11.97
CA SER B 150 -2.78 -6.18 12.76
C SER B 150 -3.19 -7.65 12.67
N PRO B 151 -2.32 -8.57 13.13
CA PRO B 151 -2.60 -9.97 12.88
C PRO B 151 -3.64 -10.56 13.84
N LYS B 152 -4.30 -11.62 13.39
CA LYS B 152 -5.30 -12.30 14.20
C LYS B 152 -5.03 -13.81 14.13
N LYS B 153 -5.29 -14.50 15.24
CA LYS B 153 -5.17 -15.94 15.34
C LYS B 153 -5.84 -16.60 14.14
N GLY B 154 -5.19 -17.61 13.56
CA GLY B 154 -5.75 -18.35 12.43
C GLY B 154 -5.49 -17.76 11.07
N GLU B 155 -4.91 -16.56 11.01
CA GLU B 155 -4.62 -15.95 9.72
C GLU B 155 -3.43 -16.61 9.01
N THR B 156 -3.40 -16.48 7.69
CA THR B 156 -2.33 -17.10 6.91
C THR B 156 -1.26 -16.02 6.65
N VAL B 157 0.00 -16.39 6.83
CA VAL B 157 1.11 -15.40 6.80
C VAL B 157 2.20 -15.91 5.90
N PHE B 158 2.66 -15.06 5.00
CA PHE B 158 3.84 -15.34 4.19
C PHE B 158 5.00 -14.40 4.56
N VAL B 159 6.19 -14.96 4.74
CA VAL B 159 7.40 -14.16 5.09
C VAL B 159 8.43 -14.41 4.03
N SER B 160 8.81 -13.35 3.31
CA SER B 160 9.97 -13.46 2.42
C SER B 160 11.27 -13.21 3.20
N ALA B 161 12.42 -13.66 2.68
CA ALA B 161 13.72 -13.65 3.41
C ALA B 161 13.55 -14.20 4.83
N ALA B 162 12.81 -15.30 4.91
CA ALA B 162 12.32 -15.83 6.19
C ALA B 162 13.43 -16.32 7.12
N SER B 163 14.57 -16.67 6.56
CA SER B 163 15.66 -17.15 7.39
C SER B 163 16.60 -16.01 7.86
N GLY B 164 16.33 -14.78 7.44
CA GLY B 164 17.15 -13.66 7.89
C GLY B 164 16.83 -13.28 9.34
N ALA B 165 17.57 -12.29 9.84
CA ALA B 165 17.44 -11.81 11.23
C ALA B 165 16.03 -11.34 11.60
N VAL B 166 15.36 -10.68 10.65
CA VAL B 166 14.02 -10.17 10.88
C VAL B 166 12.99 -11.26 10.60
N GLY B 167 13.11 -11.88 9.42
CA GLY B 167 12.11 -12.85 8.95
C GLY B 167 11.98 -14.08 9.86
N GLN B 168 13.08 -14.55 10.46
CA GLN B 168 12.97 -15.77 11.28
C GLN B 168 12.15 -15.47 12.52
N LEU B 169 12.18 -14.21 12.98
CA LEU B 169 11.38 -13.81 14.15
C LEU B 169 9.91 -13.61 13.78
N VAL B 170 9.66 -12.97 12.63
CA VAL B 170 8.29 -12.70 12.21
C VAL B 170 7.52 -14.01 12.16
N GLY B 171 8.12 -15.05 11.58
CA GLY B 171 7.43 -16.33 11.46
C GLY B 171 7.11 -16.97 12.81
N GLN B 172 8.05 -16.87 13.74
CA GLN B 172 7.81 -17.40 15.06
C GLN B 172 6.77 -16.62 15.84
N PHE B 173 6.78 -15.30 15.68
CA PHE B 173 5.75 -14.47 16.34
C PHE B 173 4.35 -14.86 15.82
N ALA B 174 4.28 -15.10 14.51
CA ALA B 174 3.05 -15.52 13.88
C ALA B 174 2.61 -16.90 14.39
N LYS B 175 3.53 -17.88 14.47
CA LYS B 175 3.17 -19.20 15.02
C LYS B 175 2.68 -19.10 16.44
N MET B 176 3.30 -18.22 17.22
CA MET B 176 2.87 -17.98 18.61
C MET B 176 1.44 -17.47 18.70
N LEU B 177 0.99 -16.78 17.67
CA LEU B 177 -0.34 -16.22 17.64
C LEU B 177 -1.35 -17.25 17.12
N GLY B 178 -0.85 -18.37 16.60
CA GLY B 178 -1.71 -19.41 16.04
C GLY B 178 -1.99 -19.28 14.55
N CYS B 179 -1.10 -18.60 13.83
CA CYS B 179 -1.24 -18.43 12.38
C CYS B 179 -0.64 -19.60 11.65
N TYR B 180 -1.06 -19.79 10.41
CA TYR B 180 -0.39 -20.69 9.48
C TYR B 180 0.68 -19.89 8.76
N VAL B 181 1.92 -20.38 8.78
CA VAL B 181 3.07 -19.57 8.37
C VAL B 181 3.88 -20.29 7.31
N VAL B 182 4.15 -19.60 6.21
CA VAL B 182 5.01 -20.12 5.16
C VAL B 182 6.16 -19.12 4.94
N GLY B 183 7.35 -19.64 4.69
CA GLY B 183 8.52 -18.80 4.42
C GLY B 183 9.24 -19.19 3.13
N SER B 184 9.91 -18.19 2.56
CA SER B 184 10.76 -18.37 1.38
CA SER B 184 10.78 -18.42 1.39
C SER B 184 12.22 -18.22 1.79
N ALA B 185 13.09 -19.05 1.23
CA ALA B 185 14.51 -19.02 1.54
C ALA B 185 15.28 -19.41 0.29
N GLY B 186 16.59 -19.17 0.28
CA GLY B 186 17.39 -19.34 -0.94
C GLY B 186 18.17 -20.64 -1.09
N SER B 187 18.10 -21.53 -0.10
CA SER B 187 18.73 -22.86 -0.17
C SER B 187 17.97 -23.94 0.63
N LYS B 188 18.27 -25.20 0.34
CA LYS B 188 17.74 -26.34 1.11
C LYS B 188 18.05 -26.21 2.61
N GLU B 189 19.32 -25.96 2.95
CA GLU B 189 19.74 -25.77 4.35
C GLU B 189 18.82 -24.80 5.10
N LYS B 190 18.56 -23.63 4.49
CA LYS B 190 17.66 -22.64 5.09
C LYS B 190 16.18 -23.06 5.11
N VAL B 191 15.69 -23.66 4.03
CA VAL B 191 14.30 -24.17 4.00
C VAL B 191 14.08 -25.19 5.13
N ASP B 192 15.03 -26.12 5.27
CA ASP B 192 14.93 -27.16 6.29
C ASP B 192 14.98 -26.53 7.68
N LEU B 193 15.84 -25.55 7.87
CA LEU B 193 15.91 -24.77 9.11
C LEU B 193 14.57 -24.12 9.45
N LEU B 194 13.92 -23.49 8.47
CA LEU B 194 12.66 -22.78 8.69
C LEU B 194 11.62 -23.71 9.30
N LYS B 195 11.57 -24.92 8.76
CA LYS B 195 10.63 -25.93 9.24
C LYS B 195 11.12 -26.64 10.51
N SER B 196 12.39 -27.04 10.54
CA SER B 196 12.98 -27.83 11.66
C SER B 196 13.22 -27.07 12.97
N LYS B 197 13.70 -25.84 12.86
CA LYS B 197 14.15 -25.05 13.98
CA LYS B 197 14.15 -25.06 13.99
C LYS B 197 13.13 -23.98 14.33
N PHE B 198 12.63 -23.32 13.31
CA PHE B 198 11.77 -22.17 13.52
C PHE B 198 10.28 -22.48 13.60
N GLY B 199 9.89 -23.69 13.21
CA GLY B 199 8.48 -24.12 13.30
C GLY B 199 7.53 -23.50 12.28
N PHE B 200 8.06 -23.04 11.14
CA PHE B 200 7.21 -22.64 10.01
C PHE B 200 6.44 -23.89 9.58
N ASP B 201 5.17 -23.70 9.22
CA ASP B 201 4.34 -24.78 8.69
C ASP B 201 4.90 -25.32 7.38
N GLU B 202 5.34 -24.42 6.51
CA GLU B 202 5.91 -24.75 5.21
C GLU B 202 6.96 -23.75 4.82
N ALA B 203 7.81 -24.15 3.88
CA ALA B 203 8.78 -23.23 3.30
C ALA B 203 9.21 -23.78 1.96
N PHE B 204 9.71 -22.90 1.10
CA PHE B 204 10.15 -23.28 -0.23
C PHE B 204 11.37 -22.45 -0.64
N ASN B 205 12.18 -23.02 -1.52
CA ASN B 205 13.35 -22.37 -2.08
C ASN B 205 12.90 -21.55 -3.28
N TYR B 206 12.93 -20.22 -3.15
CA TYR B 206 12.43 -19.34 -4.23
C TYR B 206 13.25 -19.49 -5.53
N LYS B 207 14.51 -19.88 -5.38
CA LYS B 207 15.40 -20.06 -6.53
C LYS B 207 15.01 -21.22 -7.43
N GLU B 208 14.29 -22.18 -6.86
CA GLU B 208 13.91 -23.38 -7.61
C GLU B 208 12.58 -23.23 -8.31
N GLU B 209 11.75 -22.32 -7.82
CA GLU B 209 10.41 -22.17 -8.37
C GLU B 209 10.44 -21.46 -9.71
N GLN B 210 9.82 -22.06 -10.72
CA GLN B 210 9.71 -21.44 -12.02
C GLN B 210 8.62 -20.37 -12.03
N ASP B 211 7.60 -20.55 -11.19
CA ASP B 211 6.46 -19.65 -11.14
C ASP B 211 6.14 -19.38 -9.68
N LEU B 212 6.54 -18.21 -9.21
CA LEU B 212 6.30 -17.86 -7.80
C LEU B 212 4.82 -17.78 -7.46
N SER B 213 4.01 -17.26 -8.38
CA SER B 213 2.55 -17.19 -8.18
C SER B 213 1.96 -18.56 -7.95
N ALA B 214 2.39 -19.53 -8.77
CA ALA B 214 1.91 -20.92 -8.63
C ALA B 214 2.39 -21.54 -7.34
N ALA B 215 3.62 -21.22 -6.96
CA ALA B 215 4.17 -21.74 -5.70
C ALA B 215 3.33 -21.29 -4.50
N LEU B 216 2.99 -20.00 -4.46
CA LEU B 216 2.22 -19.46 -3.33
C LEU B 216 0.80 -20.04 -3.31
N LYS B 217 0.22 -20.25 -4.49
CA LYS B 217 -1.10 -20.87 -4.59
C LYS B 217 -1.09 -22.28 -3.98
N ARG B 218 -0.03 -23.05 -4.26
CA ARG B 218 0.13 -24.40 -3.69
C ARG B 218 0.14 -24.39 -2.16
N TYR B 219 0.89 -23.44 -1.58
CA TYR B 219 1.01 -23.31 -0.11
C TYR B 219 -0.15 -22.57 0.53
N PHE B 220 -0.86 -21.79 -0.25
CA PHE B 220 -1.96 -20.99 0.27
C PHE B 220 -3.19 -21.22 -0.59
N PRO B 221 -3.82 -22.40 -0.47
CA PRO B 221 -4.98 -22.67 -1.33
C PRO B 221 -6.09 -21.62 -1.23
N ASP B 222 -6.25 -21.02 -0.04
CA ASP B 222 -7.31 -20.02 0.22
C ASP B 222 -6.75 -18.58 0.30
N GLY B 223 -5.48 -18.40 -0.06
CA GLY B 223 -4.91 -17.06 -0.07
C GLY B 223 -4.15 -16.70 1.20
N ILE B 224 -3.45 -15.56 1.10
CA ILE B 224 -2.52 -15.01 2.11
C ILE B 224 -3.22 -13.82 2.80
N ASP B 225 -3.37 -13.87 4.12
CA ASP B 225 -3.92 -12.71 4.84
C ASP B 225 -2.83 -11.63 5.02
N ILE B 226 -1.62 -12.05 5.31
CA ILE B 226 -0.52 -11.11 5.68
C ILE B 226 0.77 -11.51 4.95
N TYR B 227 1.38 -10.54 4.29
CA TYR B 227 2.67 -10.70 3.69
C TYR B 227 3.62 -9.76 4.45
N PHE B 228 4.68 -10.35 5.01
CA PHE B 228 5.76 -9.53 5.61
C PHE B 228 6.83 -9.40 4.53
N GLU B 229 6.94 -8.20 3.97
CA GLU B 229 7.68 -7.97 2.74
C GLU B 229 9.12 -7.51 3.04
N ASN B 230 10.09 -8.32 2.65
CA ASN B 230 11.52 -8.04 2.81
C ASN B 230 12.20 -8.00 1.46
N VAL B 231 11.46 -8.34 0.41
CA VAL B 231 12.07 -8.63 -0.90
C VAL B 231 11.66 -7.73 -2.07
N GLY B 232 10.37 -7.64 -2.35
CA GLY B 232 9.83 -6.80 -3.42
C GLY B 232 9.88 -7.48 -4.76
N GLY B 233 9.54 -6.75 -5.82
CA GLY B 233 9.83 -7.21 -7.18
C GLY B 233 8.88 -8.28 -7.61
N LYS B 234 9.40 -9.30 -8.30
CA LYS B 234 8.55 -10.39 -8.72
C LYS B 234 7.88 -11.12 -7.56
N MET B 235 8.55 -11.21 -6.41
CA MET B 235 7.96 -11.86 -5.23
C MET B 235 6.68 -11.11 -4.81
N LEU B 236 6.76 -9.78 -4.74
CA LEU B 236 5.55 -9.00 -4.42
C LEU B 236 4.45 -9.24 -5.43
N ASP B 237 4.79 -9.21 -6.73
CA ASP B 237 3.76 -9.48 -7.75
C ASP B 237 3.08 -10.83 -7.54
N ALA B 238 3.88 -11.84 -7.16
CA ALA B 238 3.33 -13.18 -6.88
C ALA B 238 2.46 -13.16 -5.64
N VAL B 239 2.83 -12.38 -4.64
CA VAL B 239 1.98 -12.32 -3.44
C VAL B 239 0.62 -11.64 -3.73
N LEU B 240 0.67 -10.54 -4.47
CA LEU B 240 -0.52 -9.71 -4.72
C LEU B 240 -1.70 -10.52 -5.26
N VAL B 241 -1.42 -11.36 -6.25
CA VAL B 241 -2.49 -12.19 -6.84
C VAL B 241 -2.94 -13.33 -5.93
N ASN B 242 -2.18 -13.61 -4.87
CA ASN B 242 -2.58 -14.64 -3.92
C ASN B 242 -3.12 -14.08 -2.58
N MET B 243 -3.33 -12.77 -2.46
CA MET B 243 -3.80 -12.20 -1.18
C MET B 243 -5.29 -12.42 -0.98
N LYS B 244 -5.68 -12.59 0.28
CA LYS B 244 -7.07 -12.62 0.70
C LYS B 244 -7.69 -11.21 0.72
N LEU B 245 -9.01 -11.13 0.64
CA LEU B 245 -9.69 -9.83 0.88
C LEU B 245 -9.19 -9.22 2.18
N TYR B 246 -8.94 -7.90 2.15
CA TYR B 246 -8.45 -7.14 3.34
C TYR B 246 -7.11 -7.61 3.83
N GLY B 247 -6.34 -8.24 2.93
CA GLY B 247 -4.96 -8.63 3.24
C GLY B 247 -4.11 -7.40 3.59
N ARG B 248 -3.04 -7.64 4.34
CA ARG B 248 -2.12 -6.57 4.76
C ARG B 248 -0.72 -6.91 4.36
N ILE B 249 0.03 -5.91 3.89
CA ILE B 249 1.43 -6.08 3.51
C ILE B 249 2.25 -5.06 4.31
N ALA B 250 3.11 -5.57 5.19
CA ALA B 250 4.06 -4.74 5.95
C ALA B 250 5.32 -4.63 5.11
N VAL B 251 5.60 -3.44 4.61
CA VAL B 251 6.72 -3.27 3.68
C VAL B 251 7.93 -2.90 4.55
N CYS B 252 8.78 -3.90 4.82
CA CYS B 252 9.96 -3.76 5.71
C CYS B 252 11.23 -3.48 4.90
N GLY B 253 11.41 -4.24 3.82
CA GLY B 253 12.61 -4.11 2.99
C GLY B 253 12.27 -4.55 1.57
N MET B 254 13.19 -4.30 0.66
CA MET B 254 13.11 -4.79 -0.69
C MET B 254 14.52 -5.14 -1.10
N ILE B 255 15.09 -6.11 -0.37
CA ILE B 255 16.51 -6.39 -0.43
C ILE B 255 16.92 -6.80 -1.84
N SER B 256 15.97 -7.32 -2.63
CA SER B 256 16.25 -7.68 -4.02
C SER B 256 16.62 -6.45 -4.85
N GLN B 257 16.25 -5.27 -4.36
CA GLN B 257 16.34 -4.04 -5.14
C GLN B 257 17.52 -3.14 -4.74
N GLU B 264 13.00 -3.64 -10.47
CA GLU B 264 12.11 -4.23 -11.44
C GLU B 264 10.66 -3.85 -11.17
N GLY B 265 9.93 -3.54 -12.25
CA GLY B 265 8.57 -3.01 -12.12
C GLY B 265 7.63 -3.98 -11.45
N VAL B 266 6.76 -3.46 -10.59
CA VAL B 266 5.66 -4.21 -9.99
C VAL B 266 4.39 -3.95 -10.84
N HIS B 267 3.74 -5.03 -11.27
CA HIS B 267 2.67 -4.99 -12.28
C HIS B 267 1.26 -5.25 -11.77
N ASN B 268 1.13 -5.77 -10.55
CA ASN B 268 -0.16 -6.28 -10.09
C ASN B 268 -0.84 -5.42 -9.02
N LEU B 269 -0.55 -4.10 -9.01
CA LEU B 269 -1.05 -3.28 -7.91
C LEU B 269 -2.55 -3.11 -8.00
N PHE B 270 -3.13 -3.43 -9.16
CA PHE B 270 -4.61 -3.39 -9.29
C PHE B 270 -5.28 -4.29 -8.25
N CYS B 271 -4.58 -5.37 -7.86
CA CYS B 271 -5.02 -6.24 -6.78
C CYS B 271 -5.24 -5.51 -5.47
N LEU B 272 -4.54 -4.39 -5.25
CA LEU B 272 -4.84 -3.60 -4.02
C LEU B 272 -6.32 -3.17 -3.98
N ILE B 273 -6.89 -2.88 -5.14
CA ILE B 273 -8.28 -2.39 -5.19
C ILE B 273 -9.28 -3.57 -5.01
N THR B 274 -9.13 -4.59 -5.85
CA THR B 274 -10.09 -5.71 -5.88
C THR B 274 -10.07 -6.51 -4.59
N LYS B 275 -8.91 -6.55 -3.93
CA LYS B 275 -8.74 -7.24 -2.67
C LYS B 275 -8.74 -6.32 -1.46
N ARG B 276 -8.81 -5.01 -1.70
CA ARG B 276 -8.82 -4.00 -0.63
C ARG B 276 -7.66 -4.24 0.33
N ILE B 277 -6.45 -4.23 -0.22
CA ILE B 277 -5.25 -4.54 0.55
C ILE B 277 -4.68 -3.23 1.10
N ARG B 278 -4.22 -3.25 2.36
CA ARG B 278 -3.40 -2.20 2.94
C ARG B 278 -1.93 -2.63 2.87
N MET B 279 -1.13 -1.87 2.13
CA MET B 279 0.30 -2.08 1.97
C MET B 279 0.97 -0.87 2.61
N GLU B 280 1.73 -1.10 3.68
CA GLU B 280 2.21 0.02 4.49
C GLU B 280 3.68 -0.14 4.86
N GLY B 281 4.47 0.88 4.59
CA GLY B 281 5.91 0.85 4.91
C GLY B 281 6.06 1.38 6.31
N PHE B 282 7.18 1.04 6.92
CA PHE B 282 7.44 1.49 8.30
C PHE B 282 8.95 1.50 8.50
N LEU B 283 9.40 2.23 9.52
CA LEU B 283 10.79 2.23 9.91
C LEU B 283 10.85 1.94 11.41
N VAL B 284 11.69 0.98 11.76
CA VAL B 284 11.77 0.54 13.15
C VAL B 284 12.02 1.70 14.14
N PHE B 285 12.79 2.73 13.72
CA PHE B 285 13.08 3.80 14.68
C PHE B 285 11.88 4.64 15.10
N ASP B 286 10.78 4.52 14.38
CA ASP B 286 9.53 5.17 14.79
C ASP B 286 8.89 4.43 15.98
N TYR B 287 9.39 3.22 16.26
CA TYR B 287 8.71 2.34 17.21
C TYR B 287 9.50 2.08 18.49
N TYR B 288 10.60 2.81 18.69
CA TYR B 288 11.52 2.46 19.81
C TYR B 288 10.90 2.69 21.19
N HIS B 289 9.82 3.45 21.24
CA HIS B 289 9.07 3.69 22.47
C HIS B 289 8.32 2.43 22.90
N LEU B 290 8.24 1.44 22.01
CA LEU B 290 7.63 0.15 22.30
C LEU B 290 8.65 -0.94 22.68
N TYR B 291 9.94 -0.59 22.68
CA TYR B 291 10.99 -1.55 22.99
C TYR B 291 10.82 -2.24 24.38
N PRO B 292 10.59 -1.46 25.46
CA PRO B 292 10.35 -2.14 26.74
C PRO B 292 9.22 -3.18 26.65
N LYS B 293 8.13 -2.84 25.94
CA LYS B 293 6.98 -3.74 25.77
C LYS B 293 7.41 -5.00 25.01
N TYR B 294 8.15 -4.80 23.93
CA TYR B 294 8.72 -5.92 23.19
C TYR B 294 9.55 -6.84 24.08
N LEU B 295 10.49 -6.27 24.84
CA LEU B 295 11.34 -7.05 25.72
C LEU B 295 10.52 -7.86 26.74
N GLU B 296 9.46 -7.23 27.23
CA GLU B 296 8.61 -7.80 28.27
C GLU B 296 7.85 -9.01 27.72
N MET B 297 7.53 -8.99 26.43
CA MET B 297 6.95 -10.15 25.73
C MET B 297 7.99 -11.24 25.42
N VAL B 298 9.13 -10.85 24.82
CA VAL B 298 10.01 -11.83 24.15
C VAL B 298 11.04 -12.52 25.06
N ILE B 299 11.43 -11.86 26.13
CA ILE B 299 12.48 -12.43 26.98
C ILE B 299 11.99 -13.69 27.75
N PRO B 300 10.76 -13.65 28.31
CA PRO B 300 10.24 -14.90 28.89
C PRO B 300 10.14 -16.04 27.85
N GLN B 301 9.75 -15.70 26.61
CA GLN B 301 9.63 -16.68 25.53
C GLN B 301 10.99 -17.29 25.17
N ILE B 302 12.04 -16.47 25.14
CA ILE B 302 13.39 -16.99 24.92
C ILE B 302 13.79 -17.93 26.06
N LYS B 303 13.62 -17.46 27.29
CA LYS B 303 14.00 -18.24 28.47
C LYS B 303 13.25 -19.56 28.61
N ALA B 304 12.04 -19.62 28.02
CA ALA B 304 11.24 -20.84 27.99
C ALA B 304 11.49 -21.67 26.73
N GLY B 305 12.45 -21.26 25.89
CA GLY B 305 12.76 -21.97 24.65
C GLY B 305 11.66 -21.94 23.59
N LYS B 306 10.69 -21.04 23.73
CA LYS B 306 9.56 -20.94 22.84
C LYS B 306 9.83 -20.09 21.60
N VAL B 307 10.77 -19.15 21.71
CA VAL B 307 11.26 -18.36 20.58
C VAL B 307 12.73 -18.67 20.53
N VAL B 308 13.24 -18.99 19.35
CA VAL B 308 14.67 -19.27 19.17
C VAL B 308 15.31 -18.32 18.15
N TYR B 309 16.64 -18.31 18.12
CA TYR B 309 17.36 -17.36 17.28
C TYR B 309 18.63 -17.98 16.77
N VAL B 310 18.89 -17.79 15.47
CA VAL B 310 20.12 -18.30 14.87
C VAL B 310 20.91 -17.13 14.31
N GLU B 311 22.19 -17.06 14.67
CA GLU B 311 23.08 -16.02 14.15
C GLU B 311 24.38 -16.64 13.67
N ASP B 312 25.18 -15.84 12.98
CA ASP B 312 26.46 -16.27 12.55
C ASP B 312 27.46 -15.29 13.15
N VAL B 313 28.42 -15.81 13.90
CA VAL B 313 29.34 -14.95 14.63
C VAL B 313 30.77 -15.10 14.11
N ALA B 314 31.30 -14.01 13.56
CA ALA B 314 32.69 -14.03 13.05
C ALA B 314 33.60 -13.46 14.14
N HIS B 315 34.83 -13.97 14.26
CA HIS B 315 35.73 -13.57 15.34
C HIS B 315 36.72 -12.48 14.90
N GLY B 316 36.68 -11.34 15.58
CA GLY B 316 37.67 -10.27 15.43
C GLY B 316 37.32 -9.25 14.37
N LEU B 317 37.80 -8.02 14.54
CA LEU B 317 37.60 -6.96 13.55
C LEU B 317 38.19 -7.28 12.19
N GLU B 318 39.34 -7.95 12.19
CA GLU B 318 39.99 -8.34 10.94
C GLU B 318 39.07 -9.24 10.10
N SER B 319 38.01 -9.77 10.73
CA SER B 319 36.99 -10.54 10.01
C SER B 319 35.82 -9.72 9.49
N ALA B 320 35.65 -8.50 9.98
CA ALA B 320 34.48 -7.70 9.65
C ALA B 320 34.32 -7.31 8.16
N PRO B 321 35.44 -7.03 7.45
CA PRO B 321 35.26 -6.80 6.00
C PRO B 321 34.63 -8.01 5.30
N THR B 322 35.22 -9.19 5.48
CA THR B 322 34.65 -10.46 4.97
C THR B 322 33.17 -10.63 5.34
N ALA B 323 32.85 -10.36 6.61
CA ALA B 323 31.49 -10.56 7.11
C ALA B 323 30.46 -9.63 6.49
N LEU B 324 30.84 -8.38 6.23
CA LEU B 324 29.92 -7.39 5.69
C LEU B 324 29.58 -7.66 4.21
N VAL B 325 30.61 -7.88 3.40
CA VAL B 325 30.42 -8.23 2.00
C VAL B 325 29.52 -9.47 1.85
N GLY B 326 29.88 -10.57 2.53
CA GLY B 326 29.16 -11.85 2.48
C GLY B 326 27.68 -11.76 2.76
N LEU B 327 27.23 -10.62 3.27
CA LEU B 327 25.82 -10.42 3.63
C LEU B 327 24.90 -10.29 2.41
N PHE B 328 25.40 -9.69 1.33
CA PHE B 328 24.56 -9.37 0.17
C PHE B 328 24.41 -10.52 -0.82
N SER B 329 24.95 -11.69 -0.46
CA SER B 329 24.74 -12.93 -1.22
C SER B 329 24.07 -14.03 -0.37
N GLY B 330 23.64 -13.65 0.83
CA GLY B 330 23.00 -14.57 1.77
C GLY B 330 23.92 -15.64 2.33
N ARG B 331 25.20 -15.28 2.53
CA ARG B 331 26.19 -16.19 3.10
C ARG B 331 26.04 -16.28 4.63
N ASN B 332 25.33 -15.33 5.23
CA ASN B 332 24.88 -15.42 6.62
C ASN B 332 23.73 -16.44 6.75
N ILE B 333 23.63 -17.08 7.92
CA ILE B 333 22.44 -17.82 8.34
C ILE B 333 21.94 -17.12 9.61
N GLY B 334 20.82 -16.40 9.47
CA GLY B 334 20.36 -15.46 10.50
C GLY B 334 21.22 -14.20 10.55
N LYS B 335 21.25 -13.49 11.67
CA LYS B 335 21.95 -12.22 11.70
C LYS B 335 23.47 -12.45 11.64
N GLN B 336 24.17 -11.75 10.75
CA GLN B 336 25.63 -11.82 10.75
C GLN B 336 26.22 -10.88 11.81
N VAL B 337 27.06 -11.42 12.69
CA VAL B 337 27.61 -10.65 13.83
C VAL B 337 29.13 -10.74 13.77
N VAL B 338 29.82 -9.72 14.31
CA VAL B 338 31.27 -9.76 14.46
C VAL B 338 31.57 -9.70 15.96
N MET B 339 32.28 -10.66 16.50
CA MET B 339 32.69 -10.51 17.88
C MET B 339 34.03 -9.74 17.91
N VAL B 340 34.01 -8.55 18.49
CA VAL B 340 35.19 -7.70 18.54
C VAL B 340 36.07 -8.14 19.70
N SER B 341 35.42 -8.47 20.81
CA SER B 341 36.06 -8.82 22.07
C SER B 341 35.18 -9.77 22.90
N ARG B 342 35.86 -10.59 23.72
CA ARG B 342 35.21 -11.44 24.71
CA ARG B 342 35.22 -11.45 24.73
C ARG B 342 35.00 -10.67 26.02
N GLU B 343 34.00 -11.08 26.81
CA GLU B 343 33.69 -10.45 28.11
C GLU B 343 32.53 -11.15 28.81
PA NAP C . -13.96 9.95 -14.65
O1A NAP C . -15.31 10.64 -14.62
O2A NAP C . -12.74 10.57 -14.06
O5B NAP C . -13.66 9.60 -16.20
C5B NAP C . -12.50 8.85 -16.46
C4B NAP C . -11.35 9.85 -16.74
O4B NAP C . -10.10 9.13 -16.73
C3B NAP C . -11.30 10.51 -18.11
O3B NAP C . -12.20 11.65 -18.25
C2B NAP C . -9.85 11.02 -18.03
O2B NAP C . -9.72 12.37 -17.69
C1B NAP C . -9.07 9.97 -17.29
N9A NAP C . -8.23 9.08 -18.11
C8A NAP C . -8.64 8.20 -19.05
N7A NAP C . -7.54 7.56 -19.54
C5A NAP C . -6.44 8.03 -18.88
C6A NAP C . -5.05 7.78 -18.94
N6A NAP C . -4.50 6.89 -19.80
N1A NAP C . -4.24 8.47 -18.11
C2A NAP C . -4.72 9.37 -17.24
N3A NAP C . -6.03 9.64 -17.17
C4A NAP C . -6.90 8.99 -17.97
O3 NAP C . -14.11 8.50 -13.91
PN NAP C . -14.64 8.30 -12.38
O1N NAP C . -14.40 9.58 -11.67
O2N NAP C . -15.98 7.61 -12.49
O5D NAP C . -13.61 7.17 -11.83
C5D NAP C . -12.26 7.57 -11.47
C4D NAP C . -11.43 6.34 -11.06
O4D NAP C . -12.00 5.73 -9.91
C3D NAP C . -11.51 5.26 -12.13
O3D NAP C . -10.24 4.65 -12.14
C2D NAP C . -12.56 4.29 -11.61
O2D NAP C . -12.34 2.99 -12.09
C1D NAP C . -12.31 4.35 -10.11
N1N NAP C . -13.47 3.97 -9.28
C2N NAP C . -13.24 3.17 -8.24
C3N NAP C . -14.25 2.76 -7.36
C7N NAP C . -13.95 1.91 -6.16
O7N NAP C . -14.85 1.45 -5.47
N7N NAP C . -12.67 1.79 -5.77
C4N NAP C . -15.56 3.25 -7.57
C5N NAP C . -15.76 4.13 -8.64
C6N NAP C . -14.70 4.50 -9.49
P2B NAP C . -8.56 13.31 -18.37
O1X NAP C . -9.25 14.05 -19.45
O2X NAP C . -8.23 14.12 -17.16
O3X NAP C . -7.44 12.39 -18.80
PA NAP D . 19.14 -10.73 6.42
O1A NAP D . 20.21 -10.52 5.37
O2A NAP D . 19.40 -11.23 7.83
O5B NAP D . 18.06 -11.53 5.56
C5B NAP D . 18.01 -10.99 4.24
C4B NAP D . 18.04 -12.15 3.30
O4B NAP D . 17.22 -11.87 2.17
C3B NAP D . 19.38 -12.60 2.72
O3B NAP D . 20.24 -13.21 3.70
C2B NAP D . 18.68 -13.63 1.89
O2B NAP D . 18.34 -14.88 2.43
C1B NAP D . 17.51 -12.91 1.23
N9A NAP D . 17.85 -12.31 -0.10
C8A NAP D . 18.97 -11.62 -0.39
N7A NAP D . 18.93 -11.26 -1.69
C5A NAP D . 17.77 -11.72 -2.21
C6A NAP D . 17.20 -11.65 -3.47
N6A NAP D . 17.87 -11.00 -4.46
N1A NAP D . 15.99 -12.23 -3.67
C2A NAP D . 15.34 -12.86 -2.67
N3A NAP D . 15.88 -12.95 -1.44
C4A NAP D . 17.08 -12.39 -1.19
O3 NAP D . 18.40 -9.28 6.53
PN NAP D . 17.57 -8.75 7.79
O1N NAP D . 16.65 -9.82 8.32
O2N NAP D . 18.40 -7.99 8.76
O5D NAP D . 16.62 -7.67 7.01
C5D NAP D . 15.65 -8.01 6.01
C4D NAP D . 15.19 -6.74 5.26
O4D NAP D . 14.65 -5.84 6.24
C3D NAP D . 16.33 -5.99 4.60
O3D NAP D . 15.90 -5.54 3.31
C2D NAP D . 16.60 -4.82 5.52
O2D NAP D . 17.18 -3.72 4.85
C1D NAP D . 15.22 -4.55 6.07
N1N NAP D . 15.15 -3.86 7.35
C2N NAP D . 14.23 -2.91 7.45
C3N NAP D . 14.04 -2.21 8.63
C7N NAP D . 12.99 -1.14 8.70
O7N NAP D . 13.01 -0.39 9.66
N7N NAP D . 12.05 -1.07 7.74
C4N NAP D . 14.86 -2.49 9.73
C5N NAP D . 15.78 -3.52 9.62
C6N NAP D . 15.92 -4.20 8.41
P2B NAP D . 18.18 -16.09 1.37
O1X NAP D . 19.31 -16.96 1.82
O2X NAP D . 16.82 -16.59 1.75
O3X NAP D . 18.33 -15.58 -0.04
#